data_2IXF
#
_entry.id   2IXF
#
_cell.length_a   82.269
_cell.length_b   108.917
_cell.length_c   123.561
_cell.angle_alpha   90.00
_cell.angle_beta   90.00
_cell.angle_gamma   90.00
#
_symmetry.space_group_name_H-M   'P 21 21 21'
#
loop_
_entity.id
_entity.type
_entity.pdbx_description
1 polymer 'ANTIGEN PEPTIDE TRANSPORTER 1'
2 non-polymer "ADENOSINE-5'-TRIPHOSPHATE"
3 non-polymer 'MAGNESIUM ION'
4 non-polymer GLYCEROL
5 water water
#
_entity_poly.entity_id   1
_entity_poly.type   'polypeptide(L)'
_entity_poly.pdbx_seq_one_letter_code
;MSPLSGSLAPLNMKGLVKFQDVSFAYPNHPNVQVLQGLTFTLYPGKVTALVGPNGSGKSTVAALLQNLYQPTGGKVLLDG
EPLVQYDHHYLHTQVAAVGQEPLLFGRSFRENIAYGLTRTPTMEEITAVAMESGAHDFISGFPQGYDTEVGETGNQLSGG
QRQAVALARALIRKPRLLILDQATSALDAGNQLRVQRLLYESPEWASRTVLLITHQLSLAERAHHILFLKEGSVCEQGTH
LQLMERGGCYRSMVEALAAPSDAAAHHHHHH
;
_entity_poly.pdbx_strand_id   A,B,C,D
#
loop_
_chem_comp.id
_chem_comp.type
_chem_comp.name
_chem_comp.formula
ATP non-polymer ADENOSINE-5'-TRIPHOSPHATE 'C10 H16 N5 O13 P3'
GOL non-polymer GLYCEROL 'C3 H8 O3'
MG non-polymer 'MAGNESIUM ION' 'Mg 2'
#
# COMPACT_ATOMS: atom_id res chain seq x y z
N SER A 2 -38.99 -8.50 18.26
CA SER A 2 -39.43 -8.54 16.81
C SER A 2 -40.86 -8.61 16.29
N PRO A 3 -41.83 -8.03 17.02
CA PRO A 3 -43.24 -8.23 16.63
C PRO A 3 -43.61 -7.74 15.22
N LEU A 4 -43.00 -6.64 14.77
CA LEU A 4 -43.31 -6.09 13.45
C LEU A 4 -42.47 -6.66 12.31
N SER A 5 -41.50 -7.52 12.64
CA SER A 5 -40.64 -8.13 11.62
C SER A 5 -41.45 -8.99 10.65
N GLY A 6 -41.28 -8.75 9.35
CA GLY A 6 -41.97 -9.53 8.32
C GLY A 6 -43.49 -9.46 8.31
N SER A 7 -44.05 -8.39 8.87
CA SER A 7 -45.50 -8.27 9.05
C SER A 7 -46.21 -7.54 7.90
N LEU A 8 -45.47 -6.72 7.15
CA LEU A 8 -46.07 -5.84 6.14
C LEU A 8 -46.10 -6.49 4.75
N ALA A 9 -47.22 -6.28 4.05
CA ALA A 9 -47.36 -6.70 2.66
C ALA A 9 -48.48 -5.89 2.00
N PRO A 10 -48.32 -4.55 1.96
CA PRO A 10 -49.39 -3.69 1.46
C PRO A 10 -49.74 -3.95 0.00
N LEU A 11 -51.03 -3.82 -0.31
CA LEU A 11 -51.51 -4.05 -1.68
C LEU A 11 -50.88 -3.02 -2.62
N ASN A 12 -50.76 -1.78 -2.15
CA ASN A 12 -50.12 -0.73 -2.94
C ASN A 12 -48.75 -0.35 -2.42
N MET A 13 -47.81 -0.22 -3.36
CA MET A 13 -46.41 0.04 -3.06
CA MET A 13 -46.43 0.06 -3.05
C MET A 13 -45.88 1.06 -4.07
N LYS A 14 -45.45 2.22 -3.57
CA LYS A 14 -44.93 3.28 -4.43
C LYS A 14 -43.49 2.98 -4.88
N GLY A 15 -42.71 2.39 -3.98
CA GLY A 15 -41.32 2.06 -4.24
C GLY A 15 -40.37 3.21 -3.96
N LEU A 16 -40.72 4.07 -3.01
CA LEU A 16 -39.82 5.13 -2.58
C LEU A 16 -38.82 4.55 -1.58
N VAL A 17 -37.54 4.56 -1.95
CA VAL A 17 -36.49 3.98 -1.12
C VAL A 17 -35.64 5.09 -0.50
N LYS A 18 -35.39 4.96 0.79
CA LYS A 18 -34.48 5.86 1.49
C LYS A 18 -33.45 5.09 2.32
N PHE A 19 -32.18 5.28 1.99
CA PHE A 19 -31.09 4.94 2.89
C PHE A 19 -30.86 6.16 3.78
N GLN A 20 -30.83 5.94 5.09
CA GLN A 20 -30.66 7.03 6.04
C GLN A 20 -29.47 6.76 6.96
N ASP A 21 -28.33 7.40 6.67
CA ASP A 21 -27.13 7.30 7.51
C ASP A 21 -26.75 5.83 7.77
N VAL A 22 -26.77 5.05 6.68
CA VAL A 22 -26.57 3.61 6.74
C VAL A 22 -25.11 3.25 6.91
N SER A 23 -24.83 2.38 7.88
CA SER A 23 -23.53 1.73 7.97
C SER A 23 -23.74 0.22 7.80
N PHE A 24 -22.72 -0.46 7.31
CA PHE A 24 -22.80 -1.91 7.13
C PHE A 24 -21.42 -2.56 7.12
N ALA A 25 -21.33 -3.66 7.86
CA ALA A 25 -20.23 -4.60 7.75
C ALA A 25 -20.86 -5.99 7.63
N TYR A 26 -20.25 -6.86 6.83
CA TYR A 26 -20.81 -8.20 6.66
C TYR A 26 -20.76 -8.94 8.00
N PRO A 27 -21.88 -9.60 8.37
CA PRO A 27 -21.96 -10.31 9.64
C PRO A 27 -20.75 -11.17 9.98
N ASN A 28 -20.26 -11.93 8.99
CA ASN A 28 -19.11 -12.80 9.22
C ASN A 28 -17.74 -12.10 9.08
N HIS A 29 -17.76 -10.81 8.71
CA HIS A 29 -16.58 -9.94 8.73
C HIS A 29 -16.93 -8.58 9.33
N PRO A 30 -17.34 -8.55 10.61
CA PRO A 30 -17.96 -7.35 11.18
C PRO A 30 -17.01 -6.18 11.46
N ASN A 31 -15.69 -6.42 11.40
CA ASN A 31 -14.69 -5.41 11.73
C ASN A 31 -14.09 -4.75 10.49
N VAL A 32 -14.69 -4.99 9.34
CA VAL A 32 -14.36 -4.27 8.12
C VAL A 32 -15.63 -3.53 7.67
N GLN A 33 -15.60 -2.21 7.80
CA GLN A 33 -16.74 -1.38 7.43
C GLN A 33 -16.80 -1.30 5.92
N VAL A 34 -17.98 -1.59 5.35
CA VAL A 34 -18.19 -1.55 3.91
C VAL A 34 -18.99 -0.32 3.49
N LEU A 35 -20.10 -0.05 4.17
CA LEU A 35 -20.90 1.16 3.96
C LEU A 35 -20.85 1.99 5.24
N GLN A 36 -20.82 3.32 5.09
CA GLN A 36 -20.74 4.22 6.24
C GLN A 36 -21.31 5.58 5.87
N GLY A 37 -22.11 6.15 6.77
CA GLY A 37 -22.80 7.41 6.52
C GLY A 37 -23.45 7.47 5.15
N LEU A 38 -24.12 6.38 4.77
CA LEU A 38 -24.68 6.24 3.43
C LEU A 38 -26.13 6.72 3.39
N THR A 39 -26.37 7.80 2.65
CA THR A 39 -27.68 8.43 2.57
C THR A 39 -28.02 8.77 1.12
N PHE A 40 -29.15 8.27 0.65
CA PHE A 40 -29.67 8.61 -0.67
C PHE A 40 -31.15 8.24 -0.77
N THR A 41 -31.83 8.79 -1.77
CA THR A 41 -33.20 8.44 -2.06
C THR A 41 -33.32 7.94 -3.51
N LEU A 42 -34.01 6.82 -3.70
CA LEU A 42 -34.38 6.33 -5.02
C LEU A 42 -35.86 6.62 -5.24
N TYR A 43 -36.14 7.46 -6.23
CA TYR A 43 -37.51 7.89 -6.51
C TYR A 43 -38.11 7.05 -7.63
N PRO A 44 -39.39 6.66 -7.49
CA PRO A 44 -40.06 6.03 -8.64
C PRO A 44 -40.18 7.00 -9.80
N GLY A 45 -40.13 6.47 -11.02
CA GLY A 45 -40.13 7.30 -12.22
C GLY A 45 -38.72 7.72 -12.61
N LYS A 46 -37.74 7.34 -11.80
CA LYS A 46 -36.35 7.60 -12.11
C LYS A 46 -35.56 6.32 -12.29
N VAL A 47 -34.62 6.41 -13.22
CA VAL A 47 -33.48 5.53 -13.27
C VAL A 47 -32.35 6.27 -12.55
N THR A 48 -31.92 5.70 -11.43
CA THR A 48 -30.77 6.19 -10.71
C THR A 48 -29.59 5.28 -11.01
N ALA A 49 -28.49 5.88 -11.46
CA ALA A 49 -27.25 5.14 -11.69
C ALA A 49 -26.40 5.19 -10.43
N LEU A 50 -25.82 4.05 -10.09
CA LEU A 50 -24.90 3.94 -8.95
C LEU A 50 -23.54 3.57 -9.52
N VAL A 51 -22.57 4.47 -9.36
CA VAL A 51 -21.24 4.33 -9.93
C VAL A 51 -20.19 4.55 -8.85
N GLY A 52 -18.99 4.04 -9.05
CA GLY A 52 -17.89 4.25 -8.11
C GLY A 52 -16.83 3.18 -8.26
N PRO A 53 -15.67 3.37 -7.61
CA PRO A 53 -14.54 2.45 -7.81
C PRO A 53 -14.79 1.03 -7.31
N ASN A 54 -13.95 0.13 -7.76
CA ASN A 54 -13.99 -1.27 -7.33
C ASN A 54 -13.94 -1.35 -5.81
N GLY A 55 -14.83 -2.17 -5.24
CA GLY A 55 -14.91 -2.35 -3.80
C GLY A 55 -15.57 -1.22 -3.03
N SER A 56 -16.16 -0.24 -3.72
CA SER A 56 -16.77 0.92 -3.05
C SER A 56 -18.05 0.57 -2.28
N GLY A 57 -18.73 -0.50 -2.67
CA GLY A 57 -19.90 -1.02 -1.96
C GLY A 57 -21.18 -1.12 -2.78
N LYS A 58 -21.07 -1.10 -4.11
CA LYS A 58 -22.24 -1.02 -5.00
C LYS A 58 -23.11 -2.28 -4.96
N SER A 59 -22.50 -3.44 -5.07
CA SER A 59 -23.24 -4.69 -4.97
C SER A 59 -23.77 -4.92 -3.55
N THR A 60 -23.06 -4.39 -2.54
CA THR A 60 -23.52 -4.46 -1.16
C THR A 60 -24.83 -3.67 -0.98
N VAL A 61 -24.91 -2.50 -1.59
CA VAL A 61 -26.13 -1.71 -1.60
C VAL A 61 -27.27 -2.51 -2.24
N ALA A 62 -27.00 -3.16 -3.36
CA ALA A 62 -27.98 -4.03 -4.00
C ALA A 62 -28.49 -5.12 -3.05
N ALA A 63 -27.56 -5.72 -2.28
CA ALA A 63 -27.91 -6.77 -1.30
C ALA A 63 -28.82 -6.24 -0.17
N LEU A 64 -28.48 -5.09 0.38
CA LEU A 64 -29.31 -4.44 1.41
C LEU A 64 -30.71 -4.05 0.88
N LEU A 65 -30.78 -3.63 -0.39
CA LEU A 65 -32.06 -3.30 -0.99
C LEU A 65 -33.02 -4.49 -1.15
N GLN A 66 -32.48 -5.70 -1.18
CA GLN A 66 -33.28 -6.93 -1.22
C GLN A 66 -33.49 -7.52 0.17
N ASN A 67 -33.07 -6.81 1.20
CA ASN A 67 -33.08 -7.31 2.57
C ASN A 67 -32.34 -8.65 2.73
N LEU A 68 -31.28 -8.84 1.94
CA LEU A 68 -30.45 -10.02 2.12
C LEU A 68 -29.60 -9.83 3.37
N TYR A 69 -29.31 -8.56 3.68
CA TYR A 69 -28.68 -8.18 4.93
C TYR A 69 -29.41 -6.96 5.48
N GLN A 70 -29.19 -6.70 6.76
CA GLN A 70 -29.75 -5.51 7.38
C GLN A 70 -28.64 -4.51 7.70
N PRO A 71 -28.96 -3.20 7.66
CA PRO A 71 -27.93 -2.23 8.03
C PRO A 71 -27.48 -2.43 9.47
N THR A 72 -26.19 -2.27 9.71
CA THR A 72 -25.65 -2.42 11.07
C THR A 72 -25.97 -1.15 11.86
N GLY A 73 -26.11 -0.04 11.13
CA GLY A 73 -26.58 1.23 11.69
C GLY A 73 -27.35 1.96 10.63
N GLY A 74 -28.18 2.92 11.04
CA GLY A 74 -29.00 3.69 10.12
C GLY A 74 -30.22 2.89 9.68
N LYS A 75 -30.94 3.43 8.70
CA LYS A 75 -32.20 2.84 8.27
C LYS A 75 -32.25 2.68 6.76
N VAL A 76 -32.82 1.56 6.33
CA VAL A 76 -33.21 1.35 4.94
C VAL A 76 -34.73 1.32 4.93
N LEU A 77 -35.33 2.35 4.35
CA LEU A 77 -36.78 2.47 4.36
C LEU A 77 -37.34 2.18 2.98
N LEU A 78 -38.48 1.50 2.95
CA LEU A 78 -39.26 1.32 1.75
C LEU A 78 -40.65 1.88 2.03
N ASP A 79 -41.02 2.91 1.28
CA ASP A 79 -42.22 3.71 1.57
C ASP A 79 -42.34 4.07 3.06
N GLY A 80 -41.23 4.49 3.65
CA GLY A 80 -41.22 5.01 5.01
C GLY A 80 -41.14 3.99 6.12
N GLU A 81 -41.15 2.69 5.79
CA GLU A 81 -41.10 1.64 6.80
C GLU A 81 -39.80 0.86 6.67
N PRO A 82 -39.17 0.49 7.80
CA PRO A 82 -37.95 -0.30 7.74
C PRO A 82 -38.14 -1.59 6.92
N LEU A 83 -37.16 -1.90 6.08
CA LEU A 83 -37.30 -3.02 5.14
C LEU A 83 -37.55 -4.36 5.84
N VAL A 84 -36.98 -4.53 7.02
CA VAL A 84 -37.13 -5.76 7.82
C VAL A 84 -38.58 -6.05 8.24
N GLN A 85 -39.44 -5.03 8.23
CA GLN A 85 -40.84 -5.20 8.59
C GLN A 85 -41.73 -5.69 7.45
N TYR A 86 -41.16 -5.90 6.26
CA TYR A 86 -41.93 -6.45 5.13
C TYR A 86 -41.79 -7.96 5.08
N ASP A 87 -42.88 -8.65 4.75
CA ASP A 87 -42.86 -10.10 4.59
C ASP A 87 -41.84 -10.53 3.54
N HIS A 88 -41.17 -11.64 3.84
CA HIS A 88 -40.11 -12.21 3.01
C HIS A 88 -40.58 -12.45 1.57
N HIS A 89 -41.67 -13.17 1.42
CA HIS A 89 -42.22 -13.45 0.09
C HIS A 89 -42.74 -12.19 -0.62
N TYR A 90 -43.31 -11.26 0.15
CA TYR A 90 -43.79 -10.01 -0.42
C TYR A 90 -42.66 -9.21 -1.09
N LEU A 91 -41.53 -9.05 -0.40
CA LEU A 91 -40.37 -8.36 -0.96
C LEU A 91 -39.86 -9.03 -2.24
N HIS A 92 -39.87 -10.37 -2.25
CA HIS A 92 -39.56 -11.14 -3.45
C HIS A 92 -40.40 -10.71 -4.66
N THR A 93 -41.69 -10.45 -4.43
CA THR A 93 -42.61 -10.05 -5.50
C THR A 93 -42.43 -8.60 -5.96
N GLN A 94 -42.05 -7.73 -5.02
CA GLN A 94 -41.94 -6.29 -5.29
C GLN A 94 -40.55 -5.85 -5.73
N VAL A 95 -39.53 -6.61 -5.36
CA VAL A 95 -38.13 -6.25 -5.66
C VAL A 95 -37.46 -7.36 -6.48
N ALA A 96 -36.95 -7.00 -7.66
CA ALA A 96 -36.20 -7.94 -8.50
C ALA A 96 -34.80 -7.41 -8.80
N ALA A 97 -33.80 -8.27 -8.61
CA ALA A 97 -32.42 -7.90 -8.88
C ALA A 97 -31.83 -8.86 -9.91
N VAL A 98 -31.03 -8.30 -10.82
CA VAL A 98 -30.34 -9.08 -11.84
C VAL A 98 -28.85 -8.78 -11.74
N GLY A 99 -28.05 -9.84 -11.67
CA GLY A 99 -26.60 -9.72 -11.67
C GLY A 99 -26.03 -10.53 -12.80
N GLN A 100 -24.99 -11.31 -12.49
CA GLN A 100 -24.33 -12.12 -13.51
C GLN A 100 -24.37 -13.59 -13.12
N GLU A 101 -25.44 -13.97 -12.43
CA GLU A 101 -25.59 -15.34 -11.89
C GLU A 101 -25.95 -16.35 -12.98
N PRO A 102 -25.62 -17.63 -12.74
CA PRO A 102 -26.03 -18.68 -13.66
C PRO A 102 -27.54 -18.77 -13.82
N LEU A 103 -27.97 -19.35 -14.94
CA LEU A 103 -29.37 -19.68 -15.15
C LEU A 103 -29.72 -20.95 -14.36
N LEU A 104 -31.01 -21.28 -14.34
CA LEU A 104 -31.47 -22.49 -13.67
C LEU A 104 -31.28 -23.67 -14.62
N PHE A 105 -30.20 -24.42 -14.40
CA PHE A 105 -29.90 -25.62 -15.21
C PHE A 105 -30.97 -26.69 -15.01
N GLY A 106 -31.28 -27.40 -16.08
CA GLY A 106 -32.24 -28.50 -16.04
C GLY A 106 -33.68 -28.07 -16.23
N ARG A 107 -33.90 -26.76 -16.33
CA ARG A 107 -35.22 -26.20 -16.59
C ARG A 107 -35.21 -25.46 -17.93
N SER A 108 -36.39 -25.34 -18.53
CA SER A 108 -36.50 -24.78 -19.87
C SER A 108 -36.25 -23.29 -19.88
N PHE A 109 -36.09 -22.72 -21.07
CA PHE A 109 -36.00 -21.27 -21.20
C PHE A 109 -37.30 -20.60 -20.74
N ARG A 110 -38.44 -21.17 -21.12
CA ARG A 110 -39.73 -20.66 -20.63
C ARG A 110 -39.77 -20.62 -19.10
N GLU A 111 -39.39 -21.74 -18.47
CA GLU A 111 -39.35 -21.86 -17.01
C GLU A 111 -38.41 -20.84 -16.40
N ASN A 112 -37.25 -20.66 -17.04
CA ASN A 112 -36.26 -19.70 -16.57
C ASN A 112 -36.78 -18.27 -16.59
N ILE A 113 -37.54 -17.92 -17.61
CA ILE A 113 -38.12 -16.57 -17.72
C ILE A 113 -39.27 -16.42 -16.72
N ALA A 114 -40.10 -17.47 -16.60
CA ALA A 114 -41.31 -17.41 -15.77
C ALA A 114 -41.10 -17.80 -14.30
N TYR A 115 -39.89 -18.17 -13.92
CA TYR A 115 -39.68 -18.77 -12.59
C TYR A 115 -39.95 -17.82 -11.42
N GLY A 116 -40.80 -18.28 -10.52
CA GLY A 116 -41.14 -17.55 -9.30
C GLY A 116 -42.40 -16.71 -9.39
N LEU A 117 -43.02 -16.67 -10.58
CA LEU A 117 -44.27 -15.92 -10.77
C LEU A 117 -45.42 -16.63 -10.08
N THR A 118 -46.41 -15.84 -9.67
CA THR A 118 -47.64 -16.37 -9.09
C THR A 118 -48.57 -16.87 -10.19
N ARG A 119 -48.52 -16.19 -11.34
CA ARG A 119 -49.33 -16.55 -12.51
C ARG A 119 -48.47 -17.27 -13.55
N THR A 120 -49.13 -17.93 -14.50
CA THR A 120 -48.45 -18.57 -15.62
C THR A 120 -48.58 -17.65 -16.83
N PRO A 121 -47.49 -16.99 -17.24
CA PRO A 121 -47.58 -16.14 -18.42
C PRO A 121 -47.88 -16.93 -19.70
N THR A 122 -48.55 -16.28 -20.65
CA THR A 122 -48.79 -16.90 -21.96
C THR A 122 -47.49 -16.85 -22.77
N MET A 123 -47.46 -17.60 -23.86
CA MET A 123 -46.30 -17.58 -24.77
C MET A 123 -46.11 -16.21 -25.41
N GLU A 124 -47.20 -15.50 -25.70
CA GLU A 124 -47.11 -14.14 -26.23
C GLU A 124 -46.35 -13.24 -25.26
N GLU A 125 -46.66 -13.34 -23.97
CA GLU A 125 -45.98 -12.56 -22.92
C GLU A 125 -44.51 -12.94 -22.77
N ILE A 126 -44.24 -14.24 -22.78
CA ILE A 126 -42.86 -14.75 -22.74
C ILE A 126 -42.04 -14.22 -23.91
N THR A 127 -42.57 -14.37 -25.11
CA THR A 127 -41.90 -13.92 -26.33
C THR A 127 -41.69 -12.40 -26.33
N ALA A 128 -42.69 -11.66 -25.86
CA ALA A 128 -42.61 -10.21 -25.82
C ALA A 128 -41.42 -9.73 -24.96
N VAL A 129 -41.29 -10.26 -23.74
CA VAL A 129 -40.20 -9.83 -22.87
C VAL A 129 -38.82 -10.30 -23.37
N ALA A 130 -38.79 -11.50 -23.95
CA ALA A 130 -37.56 -12.04 -24.53
C ALA A 130 -37.09 -11.21 -25.72
N MET A 131 -38.02 -10.69 -26.49
CA MET A 131 -37.68 -9.77 -27.58
C MET A 131 -37.05 -8.47 -27.07
N GLU A 132 -37.49 -8.02 -25.90
CA GLU A 132 -36.94 -6.80 -25.29
C GLU A 132 -35.52 -6.99 -24.78
N SER A 133 -35.24 -8.14 -24.18
CA SER A 133 -33.92 -8.40 -23.59
C SER A 133 -32.90 -8.88 -24.64
N GLY A 134 -33.39 -9.29 -25.81
CA GLY A 134 -32.55 -9.82 -26.88
C GLY A 134 -32.35 -11.33 -26.80
N ALA A 135 -33.25 -12.02 -26.10
CA ALA A 135 -33.16 -13.48 -25.94
C ALA A 135 -34.00 -14.25 -26.97
N HIS A 136 -35.03 -13.60 -27.52
CA HIS A 136 -36.00 -14.30 -28.37
C HIS A 136 -35.39 -14.95 -29.62
N ASP A 137 -34.47 -14.26 -30.28
CA ASP A 137 -33.93 -14.75 -31.55
C ASP A 137 -33.16 -16.06 -31.38
N PHE A 138 -32.29 -16.13 -30.38
CA PHE A 138 -31.49 -17.35 -30.18
C PHE A 138 -32.32 -18.53 -29.66
N ILE A 139 -33.28 -18.27 -28.78
CA ILE A 139 -34.18 -19.32 -28.26
C ILE A 139 -35.03 -19.90 -29.39
N SER A 140 -35.51 -19.02 -30.25
CA SER A 140 -36.35 -19.42 -31.39
CA SER A 140 -36.35 -19.43 -31.38
C SER A 140 -35.56 -20.22 -32.43
N GLY A 141 -34.23 -20.14 -32.36
CA GLY A 141 -33.37 -20.94 -33.24
C GLY A 141 -33.11 -22.38 -32.76
N PHE A 142 -33.47 -22.69 -31.52
CA PHE A 142 -33.35 -24.06 -31.00
C PHE A 142 -34.52 -24.91 -31.50
N PRO A 143 -34.29 -26.22 -31.72
CA PRO A 143 -35.33 -27.11 -32.23
C PRO A 143 -36.55 -27.30 -31.32
N GLN A 144 -36.36 -27.20 -30.00
CA GLN A 144 -37.46 -27.25 -29.03
C GLN A 144 -37.92 -25.85 -28.57
N GLY A 145 -37.34 -24.80 -29.14
CA GLY A 145 -37.72 -23.42 -28.80
C GLY A 145 -37.60 -23.06 -27.33
N TYR A 146 -38.64 -22.41 -26.80
CA TYR A 146 -38.66 -22.06 -25.36
C TYR A 146 -38.70 -23.28 -24.43
N ASP A 147 -39.13 -24.44 -24.94
CA ASP A 147 -39.12 -25.69 -24.16
C ASP A 147 -37.74 -26.35 -24.08
N THR A 148 -36.75 -25.79 -24.77
CA THR A 148 -35.39 -26.30 -24.73
C THR A 148 -34.85 -26.19 -23.31
N GLU A 149 -34.12 -27.22 -22.87
CA GLU A 149 -33.54 -27.26 -21.52
C GLU A 149 -32.25 -26.45 -21.44
N VAL A 150 -32.13 -25.59 -20.43
CA VAL A 150 -30.87 -24.88 -20.16
C VAL A 150 -29.81 -25.88 -19.68
N GLY A 151 -28.63 -25.79 -20.28
CA GLY A 151 -27.51 -26.68 -19.95
C GLY A 151 -27.53 -28.00 -20.69
N GLU A 152 -28.41 -28.11 -21.70
CA GLU A 152 -28.55 -29.34 -22.46
C GLU A 152 -27.22 -29.76 -23.09
N THR A 153 -26.78 -30.98 -22.78
CA THR A 153 -25.55 -31.57 -23.34
C THR A 153 -24.33 -30.63 -23.32
N GLY A 154 -24.12 -29.95 -22.19
CA GLY A 154 -22.95 -29.10 -21.99
C GLY A 154 -23.01 -27.69 -22.56
N ASN A 155 -24.09 -27.36 -23.29
CA ASN A 155 -24.23 -26.02 -23.86
C ASN A 155 -24.43 -24.95 -22.78
N GLN A 156 -23.40 -24.15 -22.56
CA GLN A 156 -23.41 -23.14 -21.52
C GLN A 156 -23.98 -21.77 -21.97
N LEU A 157 -24.34 -21.65 -23.26
CA LEU A 157 -24.70 -20.38 -23.92
C LEU A 157 -23.55 -19.37 -23.90
N SER A 158 -23.70 -18.28 -24.63
CA SER A 158 -22.75 -17.18 -24.55
C SER A 158 -23.11 -16.30 -23.35
N GLY A 159 -22.17 -15.46 -22.93
CA GLY A 159 -22.38 -14.57 -21.79
C GLY A 159 -23.58 -13.64 -21.97
N GLY A 160 -23.69 -13.04 -23.15
CA GLY A 160 -24.76 -12.09 -23.44
C GLY A 160 -26.10 -12.76 -23.58
N GLN A 161 -26.10 -13.99 -24.09
CA GLN A 161 -27.29 -14.80 -24.17
C GLN A 161 -27.80 -15.16 -22.78
N ARG A 162 -26.89 -15.54 -21.89
CA ARG A 162 -27.27 -15.81 -20.51
C ARG A 162 -27.88 -14.58 -19.87
N GLN A 163 -27.22 -13.44 -20.04
CA GLN A 163 -27.69 -12.19 -19.48
C GLN A 163 -29.06 -11.77 -19.98
N ALA A 164 -29.31 -11.97 -21.27
CA ALA A 164 -30.60 -11.66 -21.88
C ALA A 164 -31.74 -12.49 -21.26
N VAL A 165 -31.48 -13.76 -20.94
CA VAL A 165 -32.47 -14.60 -20.28
C VAL A 165 -32.73 -14.14 -18.83
N ALA A 166 -31.66 -13.87 -18.07
CA ALA A 166 -31.79 -13.39 -16.70
C ALA A 166 -32.54 -12.06 -16.60
N LEU A 167 -32.32 -11.20 -17.58
CA LEU A 167 -33.00 -9.91 -17.66
C LEU A 167 -34.49 -10.12 -17.90
N ALA A 168 -34.84 -10.97 -18.86
CA ALA A 168 -36.23 -11.27 -19.19
C ALA A 168 -36.97 -11.77 -17.96
N ARG A 169 -36.30 -12.62 -17.17
CA ARG A 169 -36.88 -13.12 -15.93
C ARG A 169 -37.27 -12.02 -14.95
N ALA A 170 -36.39 -11.03 -14.78
CA ALA A 170 -36.67 -9.89 -13.91
C ALA A 170 -37.71 -8.95 -14.51
N LEU A 171 -37.65 -8.76 -15.82
CA LEU A 171 -38.54 -7.82 -16.50
C LEU A 171 -40.00 -8.25 -16.46
N ILE A 172 -40.25 -9.54 -16.70
CA ILE A 172 -41.62 -10.06 -16.76
C ILE A 172 -42.31 -10.02 -15.39
N ARG A 173 -41.52 -10.02 -14.31
CA ARG A 173 -42.06 -9.88 -12.94
C ARG A 173 -42.71 -8.52 -12.67
N LYS A 174 -42.37 -7.51 -13.47
CA LYS A 174 -42.87 -6.15 -13.27
C LYS A 174 -42.75 -5.73 -11.79
N PRO A 175 -41.51 -5.74 -11.25
CA PRO A 175 -41.32 -5.33 -9.85
C PRO A 175 -41.52 -3.84 -9.69
N ARG A 176 -41.78 -3.40 -8.46
CA ARG A 176 -41.84 -1.96 -8.17
C ARG A 176 -40.43 -1.40 -8.12
N LEU A 177 -39.48 -2.22 -7.68
CA LEU A 177 -38.07 -1.85 -7.63
C LEU A 177 -37.26 -2.84 -8.46
N LEU A 178 -36.60 -2.33 -9.49
CA LEU A 178 -35.69 -3.13 -10.32
C LEU A 178 -34.24 -2.72 -10.04
N ILE A 179 -33.41 -3.71 -9.73
CA ILE A 179 -31.99 -3.50 -9.47
C ILE A 179 -31.22 -4.23 -10.57
N LEU A 180 -30.45 -3.48 -11.36
CA LEU A 180 -29.59 -4.06 -12.40
C LEU A 180 -28.13 -3.89 -12.00
N ASP A 181 -27.54 -4.97 -11.50
CA ASP A 181 -26.19 -4.91 -10.99
C ASP A 181 -25.23 -5.35 -12.10
N GLN A 182 -24.80 -4.36 -12.88
CA GLN A 182 -23.98 -4.57 -14.07
C GLN A 182 -24.57 -5.68 -14.94
N ALA A 183 -25.90 -5.66 -15.04
CA ALA A 183 -26.65 -6.69 -15.73
C ALA A 183 -26.65 -6.55 -17.25
N THR A 184 -26.08 -5.47 -17.79
CA THR A 184 -26.05 -5.28 -19.24
C THR A 184 -24.64 -5.16 -19.83
N SER A 185 -23.61 -5.36 -19.00
CA SER A 185 -22.24 -5.27 -19.49
C SER A 185 -21.90 -6.40 -20.50
N ALA A 186 -22.61 -7.53 -20.42
CA ALA A 186 -22.44 -8.64 -21.39
C ALA A 186 -23.29 -8.47 -22.66
N LEU A 187 -24.26 -7.56 -22.63
CA LEU A 187 -25.12 -7.32 -23.79
C LEU A 187 -24.38 -6.55 -24.87
N ASP A 188 -24.68 -6.85 -26.13
CA ASP A 188 -24.13 -6.10 -27.26
C ASP A 188 -24.83 -4.74 -27.40
N ALA A 189 -24.31 -3.92 -28.31
CA ALA A 189 -24.81 -2.56 -28.54
C ALA A 189 -26.33 -2.50 -28.78
N GLY A 190 -26.83 -3.36 -29.67
CA GLY A 190 -28.25 -3.38 -30.00
C GLY A 190 -29.13 -3.76 -28.83
N ASN A 191 -28.72 -4.80 -28.10
CA ASN A 191 -29.49 -5.26 -26.95
C ASN A 191 -29.48 -4.28 -25.77
N GLN A 192 -28.32 -3.69 -25.50
CA GLN A 192 -28.21 -2.67 -24.46
C GLN A 192 -29.12 -1.46 -24.75
N LEU A 193 -29.09 -1.01 -25.99
CA LEU A 193 -29.95 0.08 -26.45
C LEU A 193 -31.45 -0.20 -26.26
N ARG A 194 -31.88 -1.43 -26.57
CA ARG A 194 -33.30 -1.77 -26.48
CA ARG A 194 -33.29 -1.79 -26.48
C ARG A 194 -33.79 -1.83 -25.04
N VAL A 195 -32.97 -2.41 -24.16
CA VAL A 195 -33.30 -2.49 -22.74
C VAL A 195 -33.43 -1.07 -22.15
N GLN A 196 -32.53 -0.18 -22.54
CA GLN A 196 -32.58 1.20 -22.09
C GLN A 196 -33.83 1.93 -22.57
N ARG A 197 -34.19 1.74 -23.84
CA ARG A 197 -35.45 2.30 -24.34
C ARG A 197 -36.64 1.84 -23.51
N LEU A 198 -36.68 0.55 -23.17
CA LEU A 198 -37.75 0.03 -22.34
C LEU A 198 -37.87 0.80 -21.01
N LEU A 199 -36.73 0.97 -20.33
CA LEU A 199 -36.73 1.56 -18.99
C LEU A 199 -37.02 3.06 -19.00
N TYR A 200 -36.56 3.76 -20.04
CA TYR A 200 -36.69 5.22 -20.12
C TYR A 200 -37.94 5.69 -20.86
N GLU A 201 -38.56 4.83 -21.67
CA GLU A 201 -39.66 5.25 -22.54
C GLU A 201 -41.00 4.56 -22.29
N SER A 202 -40.99 3.32 -21.81
CA SER A 202 -42.23 2.56 -21.69
C SER A 202 -43.11 3.10 -20.54
N PRO A 203 -44.44 3.10 -20.74
CA PRO A 203 -45.37 3.51 -19.68
C PRO A 203 -45.25 2.72 -18.38
N GLU A 204 -45.04 1.40 -18.48
CA GLU A 204 -45.00 0.54 -17.30
C GLU A 204 -43.81 0.78 -16.39
N TRP A 205 -42.67 1.19 -16.96
CA TRP A 205 -41.49 1.50 -16.15
C TRP A 205 -41.47 2.94 -15.64
N ALA A 206 -42.35 3.79 -16.17
CA ALA A 206 -42.44 5.18 -15.73
C ALA A 206 -42.86 5.35 -14.27
N SER A 207 -43.52 4.35 -13.68
CA SER A 207 -44.00 4.45 -12.29
C SER A 207 -43.11 3.68 -11.33
N ARG A 208 -42.10 3.00 -11.86
CA ARG A 208 -41.31 2.06 -11.08
C ARG A 208 -39.93 2.64 -10.78
N THR A 209 -39.28 2.06 -9.77
CA THR A 209 -37.99 2.54 -9.31
C THR A 209 -36.90 1.64 -9.89
N VAL A 210 -35.92 2.24 -10.57
CA VAL A 210 -34.85 1.48 -11.21
C VAL A 210 -33.49 1.95 -10.68
N LEU A 211 -32.69 1.01 -10.20
CA LEU A 211 -31.30 1.25 -9.82
C LEU A 211 -30.40 0.55 -10.84
N LEU A 212 -29.57 1.32 -11.53
CA LEU A 212 -28.64 0.83 -12.54
C LEU A 212 -27.19 0.95 -12.05
N ILE A 213 -26.61 -0.18 -11.66
CA ILE A 213 -25.22 -0.21 -11.20
C ILE A 213 -24.33 -0.54 -12.39
N THR A 214 -23.31 0.28 -12.61
CA THR A 214 -22.49 0.18 -13.83
C THR A 214 -21.15 0.89 -13.74
N HIS A 215 -20.16 0.34 -14.47
CA HIS A 215 -18.90 1.04 -14.74
C HIS A 215 -18.90 1.68 -16.15
N GLN A 216 -20.00 1.50 -16.90
CA GLN A 216 -20.13 2.04 -18.25
C GLN A 216 -20.64 3.47 -18.23
N LEU A 217 -19.81 4.40 -18.65
CA LEU A 217 -20.15 5.83 -18.65
C LEU A 217 -21.41 6.15 -19.45
N SER A 218 -21.58 5.48 -20.60
CA SER A 218 -22.69 5.79 -21.51
C SER A 218 -24.05 5.46 -20.91
N LEU A 219 -24.10 4.45 -20.05
CA LEU A 219 -25.33 4.13 -19.35
C LEU A 219 -25.56 5.11 -18.19
N ALA A 220 -24.48 5.46 -17.48
CA ALA A 220 -24.56 6.41 -16.37
C ALA A 220 -25.03 7.79 -16.85
N GLU A 221 -24.49 8.23 -17.99
CA GLU A 221 -24.80 9.55 -18.57
C GLU A 221 -26.28 9.80 -18.85
N ARG A 222 -27.04 8.74 -19.09
CA ARG A 222 -28.45 8.85 -19.45
C ARG A 222 -29.39 8.88 -18.25
N ALA A 223 -28.88 8.46 -17.09
CA ALA A 223 -29.72 8.33 -15.89
C ALA A 223 -30.31 9.67 -15.46
N HIS A 224 -31.45 9.62 -14.79
CA HIS A 224 -32.08 10.82 -14.26
C HIS A 224 -31.29 11.38 -13.07
N HIS A 225 -30.64 10.47 -12.34
CA HIS A 225 -29.85 10.84 -11.19
C HIS A 225 -28.67 9.88 -11.05
N ILE A 226 -27.52 10.41 -10.62
CA ILE A 226 -26.32 9.59 -10.48
C ILE A 226 -25.81 9.69 -9.04
N LEU A 227 -25.58 8.55 -8.41
CA LEU A 227 -24.95 8.48 -7.11
C LEU A 227 -23.52 8.02 -7.31
N PHE A 228 -22.55 8.80 -6.84
CA PHE A 228 -21.15 8.37 -6.88
C PHE A 228 -20.76 7.84 -5.50
N LEU A 229 -20.54 6.51 -5.42
CA LEU A 229 -20.21 5.84 -4.16
C LEU A 229 -18.70 5.72 -4.06
N LYS A 230 -18.15 6.19 -2.94
CA LYS A 230 -16.73 6.08 -2.67
C LYS A 230 -16.56 5.70 -1.21
N GLU A 231 -15.80 4.65 -0.96
CA GLU A 231 -15.55 4.14 0.39
C GLU A 231 -16.86 3.96 1.17
N GLY A 232 -17.87 3.40 0.51
CA GLY A 232 -19.15 3.08 1.13
C GLY A 232 -20.06 4.25 1.44
N SER A 233 -19.78 5.40 0.85
CA SER A 233 -20.57 6.61 1.06
C SER A 233 -20.77 7.38 -0.24
N VAL A 234 -21.89 8.08 -0.37
CA VAL A 234 -22.13 8.93 -1.55
C VAL A 234 -21.48 10.30 -1.38
N CYS A 235 -20.37 10.53 -2.07
CA CYS A 235 -19.61 11.76 -1.92
C CYS A 235 -20.11 12.87 -2.85
N GLU A 236 -20.80 12.48 -3.93
CA GLU A 236 -21.47 13.44 -4.81
C GLU A 236 -22.59 12.78 -5.59
N GLN A 237 -23.55 13.58 -6.02
CA GLN A 237 -24.70 13.05 -6.76
C GLN A 237 -25.40 14.12 -7.57
N GLY A 238 -26.14 13.71 -8.59
CA GLY A 238 -26.84 14.64 -9.47
C GLY A 238 -26.89 14.09 -10.87
N THR A 239 -27.27 14.93 -11.83
CA THR A 239 -27.31 14.51 -13.22
C THR A 239 -25.88 14.48 -13.77
N HIS A 240 -25.71 13.89 -14.95
CA HIS A 240 -24.43 13.89 -15.64
C HIS A 240 -23.87 15.31 -15.79
N LEU A 241 -24.70 16.23 -16.28
CA LEU A 241 -24.25 17.60 -16.53
C LEU A 241 -23.80 18.27 -15.23
N GLN A 242 -24.60 18.11 -14.18
CA GLN A 242 -24.31 18.71 -12.88
C GLN A 242 -23.01 18.19 -12.29
N LEU A 243 -22.81 16.88 -12.35
CA LEU A 243 -21.58 16.27 -11.83
C LEU A 243 -20.34 16.63 -12.66
N MET A 244 -20.54 16.92 -13.95
CA MET A 244 -19.45 17.38 -14.79
C MET A 244 -19.03 18.82 -14.43
N GLU A 245 -20.00 19.67 -14.12
CA GLU A 245 -19.71 21.04 -13.65
C GLU A 245 -18.91 21.04 -12.34
N ARG A 246 -19.22 20.07 -11.48
CA ARG A 246 -18.64 19.98 -10.14
C ARG A 246 -17.13 19.74 -10.16
N GLY A 247 -16.65 19.00 -11.16
CA GLY A 247 -15.22 18.74 -11.30
C GLY A 247 -14.64 17.92 -10.16
N GLY A 248 -15.40 16.92 -9.71
CA GLY A 248 -14.98 16.04 -8.62
C GLY A 248 -14.64 14.64 -9.11
N CYS A 249 -15.07 13.63 -8.36
CA CYS A 249 -14.72 12.24 -8.65
C CYS A 249 -15.37 11.72 -9.93
N TYR A 250 -16.64 12.07 -10.14
CA TYR A 250 -17.37 11.66 -11.34
C TYR A 250 -16.73 12.24 -12.59
N ARG A 251 -16.44 13.54 -12.57
CA ARG A 251 -15.74 14.19 -13.68
C ARG A 251 -14.42 13.46 -13.97
N SER A 252 -13.65 13.19 -12.93
CA SER A 252 -12.35 12.50 -13.08
C SER A 252 -12.51 11.08 -13.63
N MET A 253 -13.64 10.45 -13.32
CA MET A 253 -13.95 9.11 -13.85
C MET A 253 -14.22 9.18 -15.36
N VAL A 254 -14.97 10.20 -15.78
CA VAL A 254 -15.25 10.42 -17.20
C VAL A 254 -13.96 10.74 -17.98
N GLU A 255 -13.07 11.52 -17.37
CA GLU A 255 -11.78 11.87 -17.98
C GLU A 255 -10.85 10.65 -18.15
N ALA A 256 -10.90 9.74 -17.18
CA ALA A 256 -10.08 8.51 -17.23
C ALA A 256 -10.66 7.51 -18.22
N SER B 2 -0.77 -39.18 -35.94
CA SER B 2 -0.43 -37.76 -35.59
C SER B 2 0.94 -37.65 -34.93
N PRO B 3 2.02 -38.05 -35.65
CA PRO B 3 3.33 -38.02 -35.01
C PRO B 3 3.81 -36.61 -34.64
N LEU B 4 3.37 -35.60 -35.38
CA LEU B 4 3.72 -34.20 -35.09
C LEU B 4 2.84 -33.56 -34.00
N SER B 5 1.78 -34.25 -33.58
CA SER B 5 0.87 -33.73 -32.54
C SER B 5 1.58 -33.54 -31.19
N GLY B 6 1.59 -32.31 -30.67
CA GLY B 6 2.18 -32.03 -29.35
C GLY B 6 3.69 -32.08 -29.30
N SER B 7 4.34 -31.94 -30.46
CA SER B 7 5.79 -32.15 -30.58
C SER B 7 6.62 -30.87 -30.46
N LEU B 8 6.01 -29.73 -30.81
CA LEU B 8 6.74 -28.46 -30.88
C LEU B 8 6.82 -27.78 -29.50
N ALA B 9 8.01 -27.28 -29.17
CA ALA B 9 8.20 -26.42 -28.00
C ALA B 9 9.43 -25.51 -28.17
N PRO B 10 9.41 -24.64 -29.21
CA PRO B 10 10.57 -23.81 -29.55
C PRO B 10 10.94 -22.77 -28.49
N LEU B 11 12.22 -22.42 -28.41
CA LEU B 11 12.67 -21.39 -27.49
C LEU B 11 12.16 -20.02 -27.92
N ASN B 12 12.26 -19.73 -29.22
CA ASN B 12 11.80 -18.45 -29.76
C ASN B 12 10.40 -18.60 -30.37
N MET B 13 9.47 -17.79 -29.85
N MET B 13 9.45 -17.85 -29.81
CA MET B 13 8.09 -17.75 -30.30
CA MET B 13 8.11 -17.76 -30.36
C MET B 13 7.74 -16.29 -30.59
C MET B 13 7.82 -16.29 -30.61
N LYS B 14 7.50 -15.96 -31.85
CA LYS B 14 7.15 -14.59 -32.23
C LYS B 14 5.72 -14.26 -31.80
N GLY B 15 4.83 -15.25 -31.86
CA GLY B 15 3.43 -15.07 -31.51
C GLY B 15 2.55 -14.60 -32.65
N LEU B 16 2.95 -14.91 -33.89
CA LEU B 16 2.15 -14.56 -35.07
C LEU B 16 1.05 -15.60 -35.25
N VAL B 17 -0.20 -15.17 -35.12
CA VAL B 17 -1.35 -16.07 -35.19
C VAL B 17 -2.14 -15.88 -36.47
N LYS B 18 -2.46 -16.98 -37.15
CA LYS B 18 -3.31 -16.91 -38.34
C LYS B 18 -4.47 -17.88 -38.24
N PHE B 19 -5.69 -17.37 -38.35
CA PHE B 19 -6.86 -18.19 -38.67
C PHE B 19 -7.02 -18.18 -40.19
N GLN B 20 -7.09 -19.36 -40.80
CA GLN B 20 -7.25 -19.48 -42.24
C GLN B 20 -8.49 -20.29 -42.59
N ASP B 21 -9.54 -19.59 -43.02
CA ASP B 21 -10.79 -20.21 -43.48
C ASP B 21 -11.35 -21.19 -42.45
N VAL B 22 -11.34 -20.75 -41.19
CA VAL B 22 -11.70 -21.61 -40.07
C VAL B 22 -13.21 -21.78 -39.93
N SER B 23 -13.61 -23.03 -39.74
CA SER B 23 -14.97 -23.36 -39.34
CA SER B 23 -14.97 -23.35 -39.35
C SER B 23 -14.93 -24.12 -38.04
N PHE B 24 -16.01 -24.03 -37.27
CA PHE B 24 -16.11 -24.73 -36.00
C PHE B 24 -17.55 -24.94 -35.54
N ALA B 25 -17.80 -26.14 -35.04
CA ALA B 25 -18.99 -26.47 -34.27
C ALA B 25 -18.51 -27.21 -33.04
N TYR B 26 -19.15 -26.98 -31.90
CA TYR B 26 -18.76 -27.64 -30.66
C TYR B 26 -19.03 -29.14 -30.81
N PRO B 27 -18.09 -29.99 -30.37
CA PRO B 27 -18.22 -31.44 -30.54
C PRO B 27 -19.57 -32.04 -30.11
N ASN B 28 -20.13 -31.59 -28.99
CA ASN B 28 -21.41 -32.12 -28.51
C ASN B 28 -22.64 -31.48 -29.18
N HIS B 29 -22.40 -30.43 -29.96
CA HIS B 29 -23.43 -29.83 -30.82
C HIS B 29 -22.87 -29.61 -32.23
N PRO B 30 -22.54 -30.71 -32.94
CA PRO B 30 -21.81 -30.58 -34.21
C PRO B 30 -22.61 -30.04 -35.40
N ASN B 31 -23.94 -29.96 -35.28
CA ASN B 31 -24.80 -29.53 -36.37
C ASN B 31 -25.28 -28.09 -36.21
N VAL B 32 -24.67 -27.37 -35.27
CA VAL B 32 -24.85 -25.94 -35.16
C VAL B 32 -23.49 -25.30 -35.42
N GLN B 33 -23.35 -24.69 -36.59
CA GLN B 33 -22.11 -24.01 -36.95
C GLN B 33 -21.98 -22.76 -36.10
N VAL B 34 -20.79 -22.56 -35.52
CA VAL B 34 -20.51 -21.39 -34.71
C VAL B 34 -19.56 -20.43 -35.44
N LEU B 35 -18.45 -20.95 -35.94
CA LEU B 35 -17.51 -20.17 -36.76
C LEU B 35 -17.54 -20.72 -38.19
N GLN B 36 -17.40 -19.82 -39.16
CA GLN B 36 -17.47 -20.21 -40.58
C GLN B 36 -16.75 -19.19 -41.45
N GLY B 37 -15.91 -19.67 -42.35
CA GLY B 37 -15.12 -18.81 -43.25
C GLY B 37 -14.34 -17.77 -42.49
N LEU B 38 -13.72 -18.17 -41.38
CA LEU B 38 -13.09 -17.23 -40.46
C LEU B 38 -11.60 -17.09 -40.73
N THR B 39 -11.20 -15.90 -41.17
CA THR B 39 -9.83 -15.64 -41.53
C THR B 39 -9.40 -14.31 -40.93
N PHE B 40 -8.29 -14.33 -40.20
CA PHE B 40 -7.66 -13.11 -39.69
C PHE B 40 -6.23 -13.41 -39.24
N THR B 41 -5.45 -12.36 -39.03
CA THR B 41 -4.10 -12.48 -38.48
C THR B 41 -3.96 -11.59 -37.24
N LEU B 42 -3.33 -12.14 -36.20
CA LEU B 42 -2.96 -11.35 -35.00
C LEU B 42 -1.44 -11.18 -35.01
N TYR B 43 -0.99 -9.94 -35.13
CA TYR B 43 0.44 -9.63 -35.19
C TYR B 43 0.99 -9.29 -33.80
N PRO B 44 2.23 -9.76 -33.50
CA PRO B 44 2.88 -9.26 -32.29
C PRO B 44 3.11 -7.77 -32.37
N GLY B 45 3.16 -7.11 -31.22
CA GLY B 45 3.28 -5.67 -31.17
C GLY B 45 1.97 -4.95 -31.43
N LYS B 46 0.90 -5.70 -31.61
CA LYS B 46 -0.42 -5.12 -31.74
C LYS B 46 -1.37 -5.62 -30.67
N VAL B 47 -2.20 -4.70 -30.19
CA VAL B 47 -3.44 -5.05 -29.57
C VAL B 47 -4.47 -5.11 -30.68
N THR B 48 -5.11 -6.28 -30.83
CA THR B 48 -6.20 -6.45 -31.77
C THR B 48 -7.49 -6.58 -30.95
N ALA B 49 -8.47 -5.72 -31.24
CA ALA B 49 -9.77 -5.83 -30.59
C ALA B 49 -10.64 -6.78 -31.39
N LEU B 50 -11.49 -7.55 -30.69
CA LEU B 50 -12.44 -8.44 -31.34
C LEU B 50 -13.82 -8.07 -30.83
N VAL B 51 -14.65 -7.56 -31.74
CA VAL B 51 -15.98 -7.05 -31.40
C VAL B 51 -17.04 -7.73 -32.25
N GLY B 52 -18.29 -7.68 -31.81
CA GLY B 52 -19.40 -8.28 -32.56
C GLY B 52 -20.58 -8.59 -31.65
N PRO B 53 -21.76 -8.85 -32.24
CA PRO B 53 -22.97 -9.09 -31.46
C PRO B 53 -22.92 -10.31 -30.53
N ASN B 54 -23.92 -10.39 -29.66
CA ASN B 54 -24.03 -11.53 -28.76
C ASN B 54 -24.15 -12.82 -29.54
N GLY B 55 -23.33 -13.80 -29.16
CA GLY B 55 -23.33 -15.10 -29.79
C GLY B 55 -22.63 -15.19 -31.13
N SER B 56 -21.90 -14.14 -31.53
CA SER B 56 -21.20 -14.13 -32.82
C SER B 56 -20.01 -15.10 -32.89
N GLY B 57 -19.44 -15.43 -31.73
CA GLY B 57 -18.38 -16.44 -31.62
C GLY B 57 -17.06 -15.97 -31.01
N LYS B 58 -17.08 -14.87 -30.27
CA LYS B 58 -15.86 -14.23 -29.75
C LYS B 58 -15.14 -15.11 -28.72
N SER B 59 -15.88 -15.63 -27.75
CA SER B 59 -15.28 -16.52 -26.76
C SER B 59 -14.87 -17.86 -27.37
N THR B 60 -15.59 -18.28 -28.42
CA THR B 60 -15.23 -19.49 -29.14
C THR B 60 -13.86 -19.34 -29.81
N VAL B 61 -13.64 -18.20 -30.44
CA VAL B 61 -12.34 -17.85 -30.98
C VAL B 61 -11.25 -17.90 -29.89
N ALA B 62 -11.56 -17.36 -28.71
CA ALA B 62 -10.60 -17.39 -27.58
C ALA B 62 -10.27 -18.83 -27.19
N ALA B 63 -11.27 -19.71 -27.21
CA ALA B 63 -11.08 -21.13 -26.87
C ALA B 63 -10.20 -21.84 -27.90
N LEU B 64 -10.44 -21.57 -29.18
CA LEU B 64 -9.62 -22.16 -30.25
C LEU B 64 -8.16 -21.66 -30.19
N LEU B 65 -7.96 -20.41 -29.79
CA LEU B 65 -6.62 -19.83 -29.62
C LEU B 65 -5.77 -20.47 -28.51
N GLN B 66 -6.43 -21.14 -27.55
CA GLN B 66 -5.74 -21.88 -26.50
C GLN B 66 -5.66 -23.38 -26.80
N ASN B 67 -6.10 -23.77 -27.99
CA ASN B 67 -6.23 -25.17 -28.39
C ASN B 67 -7.11 -25.99 -27.45
N LEU B 68 -8.11 -25.34 -26.85
CA LEU B 68 -9.10 -26.05 -26.04
C LEU B 68 -10.00 -26.88 -26.95
N TYR B 69 -10.16 -26.42 -28.19
CA TYR B 69 -10.85 -27.15 -29.25
C TYR B 69 -10.04 -26.95 -30.53
N GLN B 70 -10.25 -27.83 -31.51
CA GLN B 70 -9.57 -27.72 -32.79
C GLN B 70 -10.60 -27.28 -33.83
N PRO B 71 -10.16 -26.54 -34.86
CA PRO B 71 -11.11 -26.19 -35.93
C PRO B 71 -11.66 -27.43 -36.64
N THR B 72 -12.94 -27.41 -36.95
CA THR B 72 -13.56 -28.48 -37.72
C THR B 72 -13.13 -28.39 -39.19
N GLY B 73 -12.77 -27.18 -39.62
CA GLY B 73 -12.24 -26.95 -40.96
C GLY B 73 -11.29 -25.78 -40.94
N GLY B 74 -10.38 -25.74 -41.91
CA GLY B 74 -9.39 -24.67 -42.00
C GLY B 74 -8.29 -24.87 -40.98
N LYS B 75 -7.50 -23.82 -40.75
CA LYS B 75 -6.29 -23.93 -39.94
C LYS B 75 -6.17 -22.82 -38.90
N VAL B 76 -5.65 -23.19 -37.74
CA VAL B 76 -5.23 -22.22 -36.74
C VAL B 76 -3.71 -22.36 -36.62
N LEU B 77 -2.99 -21.39 -37.16
CA LEU B 77 -1.53 -21.42 -37.15
C LEU B 77 -0.97 -20.51 -36.06
N LEU B 78 0.09 -20.97 -35.41
CA LEU B 78 0.90 -20.17 -34.51
C LEU B 78 2.31 -20.23 -35.04
N ASP B 79 2.84 -19.06 -35.41
CA ASP B 79 4.13 -18.98 -36.11
C ASP B 79 4.24 -19.95 -37.30
N GLY B 80 3.14 -20.12 -38.03
CA GLY B 80 3.13 -20.92 -39.25
C GLY B 80 2.81 -22.39 -39.08
N GLU B 81 2.79 -22.88 -37.84
CA GLU B 81 2.56 -24.29 -37.56
C GLU B 81 1.19 -24.51 -36.93
N PRO B 82 0.48 -25.59 -37.33
CA PRO B 82 -0.83 -25.82 -36.73
C PRO B 82 -0.72 -25.92 -35.20
N LEU B 83 -1.68 -25.31 -34.50
CA LEU B 83 -1.65 -25.23 -33.05
C LEU B 83 -1.58 -26.61 -32.37
N VAL B 84 -2.24 -27.59 -32.98
CA VAL B 84 -2.24 -28.96 -32.47
C VAL B 84 -0.82 -29.56 -32.40
N GLN B 85 0.11 -29.01 -33.17
CA GLN B 85 1.49 -29.50 -33.17
C GLN B 85 2.34 -28.99 -32.01
N TYR B 86 1.81 -28.09 -31.18
CA TYR B 86 2.54 -27.59 -30.01
C TYR B 86 2.26 -28.42 -28.77
N ASP B 87 3.28 -28.57 -27.92
CA ASP B 87 3.14 -29.31 -26.65
C ASP B 87 2.09 -28.63 -25.76
N HIS B 88 1.28 -29.45 -25.10
CA HIS B 88 0.18 -28.98 -24.24
CA HIS B 88 0.17 -28.91 -24.30
C HIS B 88 0.67 -28.02 -23.16
N HIS B 89 1.74 -28.41 -22.48
CA HIS B 89 2.31 -27.57 -21.43
C HIS B 89 2.99 -26.32 -21.98
N TYR B 90 3.68 -26.47 -23.11
CA TYR B 90 4.31 -25.35 -23.79
C TYR B 90 3.31 -24.25 -24.10
N LEU B 91 2.18 -24.61 -24.70
CA LEU B 91 1.11 -23.64 -24.98
C LEU B 91 0.60 -22.95 -23.70
N HIS B 92 0.47 -23.72 -22.61
CA HIS B 92 0.14 -23.14 -21.30
C HIS B 92 1.11 -22.05 -20.88
N THR B 93 2.40 -22.22 -21.19
CA THR B 93 3.41 -21.20 -20.86
C THR B 93 3.40 -19.99 -21.79
N GLN B 94 3.01 -20.19 -23.04
CA GLN B 94 3.10 -19.13 -24.05
C GLN B 94 1.80 -18.36 -24.29
N VAL B 95 0.67 -18.98 -23.97
CA VAL B 95 -0.66 -18.39 -24.20
C VAL B 95 -1.41 -18.31 -22.86
N ALA B 96 -1.81 -17.10 -22.47
CA ALA B 96 -2.64 -16.89 -21.27
C ALA B 96 -3.94 -16.19 -21.64
N ALA B 97 -5.05 -16.72 -21.14
CA ALA B 97 -6.37 -16.12 -21.36
C ALA B 97 -6.99 -15.77 -20.01
N VAL B 98 -7.68 -14.63 -19.98
CA VAL B 98 -8.37 -14.18 -18.78
C VAL B 98 -9.81 -13.89 -19.15
N GLY B 99 -10.73 -14.36 -18.31
CA GLY B 99 -12.15 -14.04 -18.43
C GLY B 99 -12.72 -13.69 -17.08
N GLN B 100 -13.91 -14.22 -16.78
CA GLN B 100 -14.59 -13.91 -15.52
C GLN B 100 -14.59 -15.10 -14.55
N GLU B 101 -13.61 -15.99 -14.69
CA GLU B 101 -13.57 -17.22 -13.89
C GLU B 101 -13.29 -16.96 -12.40
N PRO B 102 -13.75 -17.86 -11.52
CA PRO B 102 -13.45 -17.75 -10.10
C PRO B 102 -11.96 -17.88 -9.79
N LEU B 103 -11.55 -17.40 -8.62
CA LEU B 103 -10.20 -17.59 -8.14
C LEU B 103 -10.08 -18.98 -7.53
N LEU B 104 -8.86 -19.37 -7.17
CA LEU B 104 -8.64 -20.67 -6.53
C LEU B 104 -8.87 -20.51 -5.03
N PHE B 105 -10.01 -20.99 -4.56
CA PHE B 105 -10.35 -20.96 -3.15
C PHE B 105 -9.40 -21.83 -2.35
N GLY B 106 -9.07 -21.38 -1.14
CA GLY B 106 -8.21 -22.15 -0.23
C GLY B 106 -6.72 -21.98 -0.48
N ARG B 107 -6.37 -21.14 -1.45
CA ARG B 107 -4.97 -20.78 -1.72
C ARG B 107 -4.84 -19.29 -1.49
N SER B 108 -3.60 -18.84 -1.22
CA SER B 108 -3.37 -17.43 -0.90
C SER B 108 -3.50 -16.56 -2.13
N PHE B 109 -3.55 -15.25 -1.91
CA PHE B 109 -3.52 -14.30 -3.02
C PHE B 109 -2.22 -14.42 -3.81
N ARG B 110 -1.09 -14.48 -3.09
CA ARG B 110 0.20 -14.73 -3.75
C ARG B 110 0.15 -15.97 -4.62
N GLU B 111 -0.35 -17.07 -4.07
CA GLU B 111 -0.51 -18.33 -4.80
C GLU B 111 -1.38 -18.17 -6.04
N ASN B 112 -2.48 -17.45 -5.89
CA ASN B 112 -3.40 -17.17 -6.99
C ASN B 112 -2.74 -16.37 -8.10
N ILE B 113 -1.88 -15.43 -7.75
CA ILE B 113 -1.19 -14.62 -8.76
C ILE B 113 -0.05 -15.43 -9.41
N ALA B 114 0.67 -16.21 -8.60
CA ALA B 114 1.84 -16.95 -9.08
C ALA B 114 1.54 -18.34 -9.63
N TYR B 115 0.27 -18.73 -9.72
CA TYR B 115 -0.08 -20.12 -9.98
C TYR B 115 0.30 -20.58 -11.39
N GLY B 116 0.99 -21.72 -11.46
CA GLY B 116 1.38 -22.32 -12.73
C GLY B 116 2.69 -21.83 -13.30
N LEU B 117 3.33 -20.84 -12.66
CA LEU B 117 4.60 -20.31 -13.14
C LEU B 117 5.72 -21.31 -12.94
N THR B 118 6.68 -21.33 -13.87
CA THR B 118 7.83 -22.20 -13.77
C THR B 118 8.77 -21.77 -12.65
N ARG B 119 8.87 -20.46 -12.43
CA ARG B 119 9.73 -19.89 -11.40
C ARG B 119 8.91 -19.35 -10.23
N THR B 120 9.61 -18.91 -9.19
CA THR B 120 8.98 -18.33 -8.01
C THR B 120 9.18 -16.82 -8.04
N PRO B 121 8.13 -16.04 -8.36
CA PRO B 121 8.30 -14.59 -8.38
C PRO B 121 8.58 -14.02 -6.99
N THR B 122 9.40 -12.97 -6.93
CA THR B 122 9.67 -12.26 -5.68
C THR B 122 8.42 -11.48 -5.28
N MET B 123 8.38 -11.00 -4.03
CA MET B 123 7.28 -10.15 -3.58
C MET B 123 7.25 -8.81 -4.33
N GLU B 124 8.42 -8.29 -4.68
CA GLU B 124 8.49 -7.06 -5.49
C GLU B 124 7.77 -7.27 -6.83
N GLU B 125 7.99 -8.44 -7.43
CA GLU B 125 7.34 -8.80 -8.70
C GLU B 125 5.83 -9.00 -8.55
N ILE B 126 5.41 -9.62 -7.45
CA ILE B 126 4.00 -9.85 -7.16
C ILE B 126 3.27 -8.53 -6.91
N THR B 127 3.86 -7.65 -6.11
CA THR B 127 3.24 -6.36 -5.79
C THR B 127 3.23 -5.43 -7.01
N ALA B 128 4.29 -5.47 -7.81
CA ALA B 128 4.35 -4.71 -9.06
C ALA B 128 3.16 -5.02 -9.99
N VAL B 129 2.91 -6.31 -10.23
CA VAL B 129 1.82 -6.70 -11.13
C VAL B 129 0.45 -6.40 -10.50
N ALA B 130 0.31 -6.68 -9.22
CA ALA B 130 -0.92 -6.37 -8.50
C ALA B 130 -1.21 -4.87 -8.55
N MET B 131 -0.17 -4.03 -8.51
CA MET B 131 -0.35 -2.59 -8.64
C MET B 131 -0.87 -2.18 -10.03
N GLU B 132 -0.45 -2.90 -11.06
CA GLU B 132 -0.92 -2.61 -12.42
C GLU B 132 -2.38 -2.99 -12.61
N SER B 133 -2.80 -4.12 -12.05
CA SER B 133 -4.18 -4.61 -12.23
C SER B 133 -5.18 -4.00 -11.24
N GLY B 134 -4.69 -3.35 -10.20
CA GLY B 134 -5.54 -2.71 -9.20
C GLY B 134 -5.85 -3.59 -7.99
N ALA B 135 -5.06 -4.65 -7.81
CA ALA B 135 -5.31 -5.60 -6.72
C ALA B 135 -4.49 -5.31 -5.47
N HIS B 136 -3.35 -4.62 -5.61
CA HIS B 136 -2.42 -4.43 -4.49
C HIS B 136 -3.04 -3.71 -3.28
N ASP B 137 -3.83 -2.67 -3.53
CA ASP B 137 -4.36 -1.87 -2.43
C ASP B 137 -5.27 -2.68 -1.50
N PHE B 138 -6.25 -3.39 -2.05
CA PHE B 138 -7.17 -4.17 -1.22
C PHE B 138 -6.50 -5.38 -0.55
N ILE B 139 -5.58 -6.04 -1.25
CA ILE B 139 -4.82 -7.16 -0.68
C ILE B 139 -3.96 -6.68 0.48
N SER B 140 -3.35 -5.51 0.31
CA SER B 140 -2.51 -4.93 1.36
CA SER B 140 -2.50 -4.93 1.35
C SER B 140 -3.32 -4.51 2.59
N GLY B 141 -4.64 -4.37 2.44
CA GLY B 141 -5.52 -4.08 3.57
C GLY B 141 -5.90 -5.28 4.43
N PHE B 142 -5.63 -6.50 3.96
CA PHE B 142 -5.91 -7.70 4.74
C PHE B 142 -4.83 -7.94 5.82
N PRO B 143 -5.22 -8.50 6.98
CA PRO B 143 -4.26 -8.72 8.06
C PRO B 143 -3.08 -9.65 7.74
N GLN B 144 -3.28 -10.63 6.87
CA GLN B 144 -2.16 -11.49 6.43
C GLN B 144 -1.64 -11.09 5.03
N GLY B 145 -2.12 -9.97 4.51
CA GLY B 145 -1.69 -9.47 3.20
C GLY B 145 -1.83 -10.48 2.06
N TYR B 146 -0.76 -10.60 1.26
CA TYR B 146 -0.75 -11.53 0.11
C TYR B 146 -0.83 -13.01 0.54
N ASP B 147 -0.52 -13.28 1.81
CA ASP B 147 -0.67 -14.62 2.35
C ASP B 147 -2.09 -14.93 2.84
N THR B 148 -3.00 -13.96 2.72
CA THR B 148 -4.41 -14.18 3.07
C THR B 148 -5.00 -15.24 2.14
N GLU B 149 -5.84 -16.12 2.71
CA GLU B 149 -6.47 -17.19 1.94
C GLU B 149 -7.66 -16.66 1.16
N VAL B 150 -7.75 -17.01 -0.12
CA VAL B 150 -8.90 -16.63 -0.93
C VAL B 150 -10.12 -17.45 -0.51
N GLY B 151 -11.24 -16.76 -0.31
CA GLY B 151 -12.48 -17.39 0.14
C GLY B 151 -12.53 -17.59 1.63
N GLU B 152 -11.65 -16.88 2.36
CA GLU B 152 -11.55 -17.01 3.81
C GLU B 152 -12.86 -16.60 4.48
N THR B 153 -13.40 -17.49 5.30
CA THR B 153 -14.62 -17.23 6.08
C THR B 153 -15.81 -16.72 5.25
N GLY B 154 -15.89 -17.14 3.99
CA GLY B 154 -17.00 -16.76 3.11
C GLY B 154 -16.84 -15.46 2.34
N ASN B 155 -15.72 -14.75 2.53
CA ASN B 155 -15.47 -13.52 1.77
C ASN B 155 -15.17 -13.82 0.31
N GLN B 156 -16.13 -13.53 -0.56
CA GLN B 156 -15.94 -13.81 -2.00
C GLN B 156 -15.38 -12.61 -2.78
N LEU B 157 -15.05 -11.51 -2.09
CA LEU B 157 -14.54 -10.27 -2.73
C LEU B 157 -15.57 -9.65 -3.66
N SER B 158 -15.26 -8.44 -4.16
CA SER B 158 -16.11 -7.79 -5.15
C SER B 158 -15.71 -8.31 -6.53
N GLY B 159 -16.61 -8.10 -7.50
CA GLY B 159 -16.38 -8.53 -8.88
C GLY B 159 -15.11 -7.97 -9.50
N GLY B 160 -14.89 -6.67 -9.29
CA GLY B 160 -13.70 -6.00 -9.82
C GLY B 160 -12.42 -6.41 -9.12
N GLN B 161 -12.52 -6.70 -7.83
CA GLN B 161 -11.40 -7.19 -7.07
C GLN B 161 -10.97 -8.58 -7.52
N ARG B 162 -11.93 -9.47 -7.77
CA ARG B 162 -11.64 -10.77 -8.34
C ARG B 162 -10.97 -10.64 -9.70
N GLN B 163 -11.52 -9.76 -10.55
CA GLN B 163 -10.99 -9.58 -11.89
C GLN B 163 -9.54 -9.06 -11.86
N ALA B 164 -9.25 -8.16 -10.93
CA ALA B 164 -7.89 -7.65 -10.76
C ALA B 164 -6.91 -8.76 -10.38
N VAL B 165 -7.34 -9.72 -9.56
CA VAL B 165 -6.47 -10.84 -9.20
C VAL B 165 -6.24 -11.76 -10.40
N ALA B 166 -7.29 -12.05 -11.16
CA ALA B 166 -7.18 -12.93 -12.33
C ALA B 166 -6.29 -12.30 -13.41
N LEU B 167 -6.43 -10.99 -13.58
CA LEU B 167 -5.57 -10.25 -14.49
C LEU B 167 -4.09 -10.31 -14.08
N ALA B 168 -3.82 -10.13 -12.79
CA ALA B 168 -2.44 -10.13 -12.30
C ALA B 168 -1.78 -11.49 -12.58
N ARG B 169 -2.56 -12.54 -12.45
CA ARG B 169 -2.10 -13.90 -12.71
C ARG B 169 -1.67 -14.08 -14.17
N ALA B 170 -2.45 -13.56 -15.10
CA ALA B 170 -2.12 -13.62 -16.52
C ALA B 170 -0.92 -12.73 -16.87
N LEU B 171 -0.89 -11.52 -16.30
CA LEU B 171 0.16 -10.54 -16.62
C LEU B 171 1.55 -10.98 -16.14
N ILE B 172 1.62 -11.60 -14.96
CA ILE B 172 2.90 -12.02 -14.40
C ILE B 172 3.51 -13.21 -15.16
N ARG B 173 2.69 -14.00 -15.86
CA ARG B 173 3.21 -15.09 -16.70
C ARG B 173 3.99 -14.58 -17.92
N LYS B 174 3.74 -13.33 -18.32
CA LYS B 174 4.36 -12.76 -19.53
C LYS B 174 4.25 -13.71 -20.72
N PRO B 175 3.02 -14.05 -21.11
CA PRO B 175 2.82 -14.92 -22.27
C PRO B 175 3.13 -14.19 -23.57
N ARG B 176 3.47 -14.93 -24.62
CA ARG B 176 3.65 -14.30 -25.93
C ARG B 176 2.31 -13.88 -26.49
N LEU B 177 1.27 -14.62 -26.13
CA LEU B 177 -0.11 -14.32 -26.55
C LEU B 177 -0.97 -14.13 -25.32
N LEU B 178 -1.55 -12.94 -25.19
CA LEU B 178 -2.47 -12.63 -24.10
C LEU B 178 -3.87 -12.47 -24.67
N ILE B 179 -4.82 -13.19 -24.09
CA ILE B 179 -6.21 -13.09 -24.52
C ILE B 179 -7.03 -12.54 -23.36
N LEU B 180 -7.66 -11.40 -23.59
CA LEU B 180 -8.51 -10.75 -22.59
C LEU B 180 -9.94 -10.90 -23.07
N ASP B 181 -10.68 -11.82 -22.47
CA ASP B 181 -12.06 -12.05 -22.89
C ASP B 181 -13.01 -11.27 -21.98
N GLN B 182 -13.31 -10.04 -22.38
CA GLN B 182 -14.10 -9.10 -21.57
C GLN B 182 -13.57 -9.06 -20.14
N ALA B 183 -12.24 -9.11 -20.05
CA ALA B 183 -11.53 -9.20 -18.78
C ALA B 183 -11.40 -7.89 -18.01
N THR B 184 -11.81 -6.77 -18.61
CA THR B 184 -11.72 -5.47 -17.94
C THR B 184 -13.05 -4.77 -17.68
N SER B 185 -14.18 -5.38 -18.08
CA SER B 185 -15.49 -4.76 -17.88
C SER B 185 -15.90 -4.63 -16.39
N ALA B 186 -15.40 -5.52 -15.53
CA ALA B 186 -15.61 -5.43 -14.07
C ALA B 186 -14.69 -4.39 -13.40
N LEU B 187 -13.66 -3.95 -14.11
CA LEU B 187 -12.70 -2.99 -13.55
C LEU B 187 -13.23 -1.57 -13.62
N ASP B 188 -12.97 -0.77 -12.60
CA ASP B 188 -13.35 0.64 -12.59
C ASP B 188 -12.49 1.40 -13.59
N ALA B 189 -12.84 2.67 -13.82
CA ALA B 189 -12.18 3.50 -14.81
C ALA B 189 -10.66 3.58 -14.60
N GLY B 190 -10.25 3.82 -13.37
CA GLY B 190 -8.83 3.96 -13.05
C GLY B 190 -8.04 2.71 -13.33
N ASN B 191 -8.58 1.56 -12.92
CA ASN B 191 -7.93 0.28 -13.14
C ASN B 191 -7.85 -0.10 -14.61
N GLN B 192 -8.94 0.15 -15.35
CA GLN B 192 -8.97 -0.10 -16.79
C GLN B 192 -7.92 0.72 -17.53
N LEU B 193 -7.82 2.00 -17.19
CA LEU B 193 -6.82 2.85 -17.82
C LEU B 193 -5.39 2.39 -17.53
N ARG B 194 -5.12 1.98 -16.30
CA ARG B 194 -3.78 1.53 -15.92
C ARG B 194 -3.38 0.27 -16.68
N VAL B 195 -4.33 -0.63 -16.86
CA VAL B 195 -4.10 -1.87 -17.60
C VAL B 195 -3.80 -1.57 -19.07
N GLN B 196 -4.58 -0.65 -19.64
CA GLN B 196 -4.36 -0.23 -21.01
C GLN B 196 -3.01 0.44 -21.21
N ARG B 197 -2.61 1.33 -20.30
CA ARG B 197 -1.28 1.93 -20.36
C ARG B 197 -0.20 0.85 -20.36
N LEU B 198 -0.33 -0.17 -19.51
CA LEU B 198 0.62 -1.30 -19.51
C LEU B 198 0.72 -1.92 -20.91
N LEU B 199 -0.43 -2.29 -21.47
CA LEU B 199 -0.46 -3.01 -22.74
C LEU B 199 0.05 -2.17 -23.92
N TYR B 200 -0.30 -0.89 -23.94
CA TYR B 200 0.07 -0.01 -25.06
C TYR B 200 1.41 0.70 -24.92
N GLU B 201 1.88 0.90 -23.68
CA GLU B 201 3.07 1.70 -23.44
C GLU B 201 4.29 0.90 -22.93
N SER B 202 4.09 -0.18 -22.17
CA SER B 202 5.24 -0.85 -21.56
C SER B 202 6.12 -1.59 -22.58
N PRO B 203 7.45 -1.61 -22.36
CA PRO B 203 8.35 -2.33 -23.27
C PRO B 203 8.09 -3.83 -23.38
N GLU B 204 7.75 -4.47 -22.27
CA GLU B 204 7.48 -5.93 -22.29
C GLU B 204 6.30 -6.32 -23.18
N TRP B 205 5.23 -5.53 -23.18
CA TRP B 205 4.06 -5.85 -23.99
C TRP B 205 4.18 -5.43 -25.46
N ALA B 206 5.17 -4.59 -25.74
CA ALA B 206 5.42 -4.09 -27.09
C ALA B 206 5.75 -5.19 -28.11
N SER B 207 6.34 -6.30 -27.66
CA SER B 207 6.72 -7.39 -28.57
C SER B 207 5.70 -8.52 -28.54
N ARG B 208 4.66 -8.37 -27.71
CA ARG B 208 3.72 -9.45 -27.49
C ARG B 208 2.41 -9.26 -28.27
N THR B 209 1.68 -10.35 -28.41
CA THR B 209 0.42 -10.37 -29.15
C THR B 209 -0.74 -10.32 -28.17
N VAL B 210 -1.63 -9.36 -28.37
CA VAL B 210 -2.75 -9.15 -27.46
C VAL B 210 -4.07 -9.16 -28.23
N LEU B 211 -4.98 -10.02 -27.80
CA LEU B 211 -6.35 -10.02 -28.33
C LEU B 211 -7.28 -9.54 -27.21
N LEU B 212 -8.00 -8.45 -27.50
CA LEU B 212 -8.88 -7.80 -26.55
C LEU B 212 -10.34 -7.94 -27.03
N ILE B 213 -11.07 -8.85 -26.40
CA ILE B 213 -12.46 -9.09 -26.74
C ILE B 213 -13.33 -8.19 -25.86
N THR B 214 -14.21 -7.40 -26.47
CA THR B 214 -14.96 -6.40 -25.70
C THR B 214 -16.22 -5.91 -26.42
N HIS B 215 -17.20 -5.50 -25.62
CA HIS B 215 -18.36 -4.74 -26.13
C HIS B 215 -18.20 -3.24 -25.83
N GLN B 216 -17.10 -2.85 -25.18
CA GLN B 216 -16.84 -1.44 -24.84
C GLN B 216 -16.14 -0.74 -26.00
N LEU B 217 -16.88 0.13 -26.69
CA LEU B 217 -16.35 0.85 -27.85
C LEU B 217 -15.08 1.66 -27.56
N SER B 218 -15.00 2.28 -26.39
CA SER B 218 -13.86 3.12 -26.04
C SER B 218 -12.56 2.32 -25.99
N LEU B 219 -12.64 1.05 -25.57
CA LEU B 219 -11.50 0.16 -25.58
C LEU B 219 -11.17 -0.28 -27.02
N ALA B 220 -12.18 -0.62 -27.80
CA ALA B 220 -11.98 -1.04 -29.20
C ALA B 220 -11.30 0.06 -30.01
N GLU B 221 -11.80 1.29 -29.84
CA GLU B 221 -11.29 2.47 -30.55
C GLU B 221 -9.78 2.70 -30.43
N ARG B 222 -9.19 2.34 -29.29
CA ARG B 222 -7.75 2.52 -29.07
C ARG B 222 -6.90 1.40 -29.71
N ALA B 223 -7.52 0.30 -30.09
CA ALA B 223 -6.79 -0.87 -30.59
C ALA B 223 -6.07 -0.61 -31.92
N HIS B 224 -4.95 -1.29 -32.13
CA HIS B 224 -4.17 -1.14 -33.36
C HIS B 224 -4.91 -1.73 -34.56
N HIS B 225 -5.74 -2.75 -34.31
CA HIS B 225 -6.54 -3.37 -35.35
C HIS B 225 -7.83 -3.86 -34.72
N ILE B 226 -8.93 -3.84 -35.48
CA ILE B 226 -10.22 -4.26 -34.95
C ILE B 226 -10.81 -5.32 -35.88
N LEU B 227 -11.28 -6.42 -35.31
CA LEU B 227 -11.99 -7.44 -36.06
C LEU B 227 -13.46 -7.36 -35.69
N PHE B 228 -14.33 -7.17 -36.67
CA PHE B 228 -15.77 -7.22 -36.42
C PHE B 228 -16.31 -8.60 -36.79
N LEU B 229 -16.71 -9.37 -35.78
CA LEU B 229 -17.22 -10.72 -35.98
C LEU B 229 -18.73 -10.72 -36.06
N LYS B 230 -19.27 -11.30 -37.11
CA LYS B 230 -20.71 -11.48 -37.23
C LYS B 230 -20.98 -12.88 -37.76
N GLU B 231 -21.88 -13.60 -37.08
CA GLU B 231 -22.26 -14.96 -37.45
C GLU B 231 -21.04 -15.86 -37.70
N GLY B 232 -20.04 -15.73 -36.82
CA GLY B 232 -18.86 -16.57 -36.85
C GLY B 232 -17.83 -16.25 -37.91
N SER B 233 -17.97 -15.10 -38.55
CA SER B 233 -17.07 -14.69 -39.61
C SER B 233 -16.71 -13.22 -39.45
N VAL B 234 -15.47 -12.87 -39.79
CA VAL B 234 -15.03 -11.48 -39.83
C VAL B 234 -15.56 -10.82 -41.09
N CYS B 235 -16.52 -9.91 -40.93
CA CYS B 235 -17.11 -9.23 -42.07
C CYS B 235 -16.40 -7.92 -42.40
N GLU B 236 -15.75 -7.30 -41.42
CA GLU B 236 -14.89 -6.16 -41.69
C GLU B 236 -13.82 -5.99 -40.62
N GLN B 237 -12.76 -5.29 -40.98
CA GLN B 237 -11.61 -5.12 -40.09
C GLN B 237 -10.73 -3.96 -40.50
N GLY B 238 -9.97 -3.44 -39.53
CA GLY B 238 -9.08 -2.31 -39.74
C GLY B 238 -9.02 -1.47 -38.48
N THR B 239 -8.41 -0.30 -38.57
CA THR B 239 -8.39 0.64 -37.45
C THR B 239 -9.79 1.24 -37.25
N HIS B 240 -9.98 1.92 -36.12
CA HIS B 240 -11.22 2.66 -35.86
C HIS B 240 -11.52 3.65 -36.98
N LEU B 241 -10.55 4.48 -37.32
CA LEU B 241 -10.72 5.46 -38.40
C LEU B 241 -11.04 4.78 -39.73
N GLN B 242 -10.35 3.67 -40.03
CA GLN B 242 -10.58 2.92 -41.27
C GLN B 242 -11.98 2.34 -41.32
N LEU B 243 -12.42 1.76 -40.20
CA LEU B 243 -13.75 1.15 -40.13
C LEU B 243 -14.84 2.21 -40.13
N MET B 244 -14.56 3.37 -39.54
CA MET B 244 -15.48 4.50 -39.60
C MET B 244 -15.61 4.98 -41.05
N GLU B 245 -14.49 5.14 -41.76
CA GLU B 245 -14.54 5.53 -43.18
C GLU B 245 -15.27 4.46 -44.00
N ARG B 246 -15.03 3.19 -43.67
CA ARG B 246 -15.69 2.06 -44.34
C ARG B 246 -17.22 2.20 -44.36
N GLY B 247 -17.79 2.64 -43.24
CA GLY B 247 -19.23 2.94 -43.15
C GLY B 247 -20.13 1.71 -43.16
N GLY B 248 -19.72 0.67 -42.44
CA GLY B 248 -20.48 -0.60 -42.34
C GLY B 248 -20.96 -0.93 -40.93
N CYS B 249 -20.78 -2.18 -40.53
CA CYS B 249 -21.34 -2.69 -39.27
C CYS B 249 -20.73 -2.05 -38.02
N TYR B 250 -19.42 -1.79 -38.07
CA TYR B 250 -18.72 -1.17 -36.96
C TYR B 250 -19.14 0.28 -36.76
N ARG B 251 -19.23 1.04 -37.86
CA ARG B 251 -19.71 2.42 -37.78
C ARG B 251 -21.14 2.47 -37.26
N SER B 252 -21.98 1.54 -37.70
CA SER B 252 -23.37 1.46 -37.22
C SER B 252 -23.43 1.20 -35.72
N MET B 253 -22.55 0.33 -35.23
CA MET B 253 -22.45 0.01 -33.81
C MET B 253 -22.02 1.25 -33.00
N VAL B 254 -21.03 1.97 -33.52
CA VAL B 254 -20.52 3.18 -32.86
C VAL B 254 -21.58 4.28 -32.81
N GLU B 255 -22.28 4.45 -33.92
CA GLU B 255 -23.31 5.48 -34.03
C GLU B 255 -24.63 5.06 -33.37
N ALA B 256 -24.79 3.75 -33.12
CA ALA B 256 -25.93 3.24 -32.37
C ALA B 256 -25.76 3.53 -30.88
N GLY C 6 -4.90 6.40 43.47
CA GLY C 6 -5.19 7.06 42.17
C GLY C 6 -6.44 6.52 41.52
N SER C 7 -7.56 7.23 41.67
CA SER C 7 -8.85 6.79 41.13
C SER C 7 -9.50 7.79 40.17
N LEU C 8 -8.82 8.87 39.81
CA LEU C 8 -9.36 9.83 38.86
C LEU C 8 -9.30 9.29 37.43
N ALA C 9 -10.42 9.41 36.72
CA ALA C 9 -10.53 8.99 35.33
C ALA C 9 -11.65 9.79 34.66
N PRO C 10 -11.49 11.11 34.54
CA PRO C 10 -12.56 11.94 33.99
C PRO C 10 -12.85 11.65 32.51
N LEU C 11 -14.10 11.85 32.11
CA LEU C 11 -14.53 11.67 30.73
C LEU C 11 -13.77 12.63 29.80
N ASN C 12 -13.71 13.90 30.18
CA ASN C 12 -13.03 14.91 29.40
C ASN C 12 -11.67 15.23 30.01
N MET C 13 -10.66 15.35 29.16
CA MET C 13 -9.32 15.73 29.56
C MET C 13 -8.86 16.83 28.62
N LYS C 14 -8.48 17.97 29.19
CA LYS C 14 -7.96 19.09 28.39
C LYS C 14 -6.52 18.83 27.97
N GLY C 15 -5.72 18.32 28.89
CA GLY C 15 -4.31 18.04 28.64
C GLY C 15 -3.39 19.20 28.97
N LEU C 16 -3.81 20.03 29.92
CA LEU C 16 -2.99 21.14 30.42
C LEU C 16 -2.03 20.60 31.47
N VAL C 17 -0.73 20.65 31.16
CA VAL C 17 0.31 20.11 32.05
C VAL C 17 1.09 21.26 32.68
N LYS C 18 1.32 21.15 33.99
CA LYS C 18 2.10 22.13 34.73
C LYS C 18 3.13 21.44 35.63
N PHE C 19 4.41 21.75 35.40
CA PHE C 19 5.46 21.51 36.38
C PHE C 19 5.55 22.76 37.25
N GLN C 20 5.38 22.59 38.56
CA GLN C 20 5.47 23.72 39.49
C GLN C 20 6.64 23.50 40.43
N ASP C 21 7.71 24.26 40.22
CA ASP C 21 8.88 24.22 41.08
C ASP C 21 9.33 22.78 41.37
N VAL C 22 9.47 22.00 40.31
CA VAL C 22 9.81 20.59 40.43
C VAL C 22 11.30 20.38 40.69
N SER C 23 11.60 19.48 41.64
CA SER C 23 12.95 18.96 41.86
CA SER C 23 12.95 18.97 41.83
C SER C 23 12.93 17.44 41.78
N PHE C 24 14.05 16.85 41.37
CA PHE C 24 14.16 15.41 41.25
C PHE C 24 15.61 14.97 41.27
N ALA C 25 15.86 13.91 42.04
CA ALA C 25 17.07 13.09 41.96
C ALA C 25 16.59 11.66 41.78
N TYR C 26 17.33 10.85 41.04
CA TYR C 26 16.99 9.44 40.88
C TYR C 26 17.18 8.72 42.22
N PRO C 27 16.21 7.87 42.62
CA PRO C 27 16.25 7.20 43.94
C PRO C 27 17.53 6.43 44.28
N ASN C 28 18.20 5.85 43.30
CA ASN C 28 19.43 5.11 43.58
C ASN C 28 20.70 5.96 43.44
N HIS C 29 20.55 7.22 43.01
CA HIS C 29 21.59 8.25 43.14
C HIS C 29 20.95 9.51 43.76
N PRO C 30 20.46 9.37 45.01
CA PRO C 30 19.59 10.37 45.64
C PRO C 30 20.23 11.73 45.95
N ASN C 31 21.56 11.79 45.98
CA ASN C 31 22.27 13.03 46.35
C ASN C 31 22.74 13.86 45.16
N VAL C 32 22.44 13.39 43.94
CA VAL C 32 22.79 14.11 42.72
C VAL C 32 21.51 14.68 42.11
N GLN C 33 21.31 15.98 42.31
CA GLN C 33 20.14 16.66 41.76
C GLN C 33 20.17 16.66 40.25
N VAL C 34 19.07 16.25 39.63
CA VAL C 34 18.95 16.25 38.18
C VAL C 34 18.05 17.40 37.75
N LEU C 35 16.86 17.49 38.35
CA LEU C 35 15.95 18.60 38.10
C LEU C 35 15.87 19.48 39.34
N GLN C 36 15.77 20.79 39.13
CA GLN C 36 15.78 21.75 40.24
C GLN C 36 15.10 23.08 39.84
N GLY C 37 14.14 23.51 40.63
CA GLY C 37 13.39 24.74 40.37
C GLY C 37 12.74 24.73 39.00
N LEU C 38 12.17 23.59 38.61
CA LEU C 38 11.72 23.38 37.24
C LEU C 38 10.23 23.72 37.11
N THR C 39 9.95 24.78 36.36
CA THR C 39 8.60 25.30 36.19
C THR C 39 8.31 25.56 34.71
N PHE C 40 7.23 24.96 34.21
CA PHE C 40 6.74 25.26 32.86
C PHE C 40 5.30 24.78 32.69
N THR C 41 4.68 25.23 31.61
CA THR C 41 3.33 24.82 31.26
C THR C 41 3.28 24.34 29.82
N LEU C 42 2.61 23.20 29.60
CA LEU C 42 2.35 22.70 28.26
C LEU C 42 0.89 22.90 27.95
N TYR C 43 0.62 23.77 26.98
CA TYR C 43 -0.76 24.08 26.61
C TYR C 43 -1.30 23.12 25.55
N PRO C 44 -2.58 22.72 25.68
CA PRO C 44 -3.24 21.97 24.62
C PRO C 44 -3.24 22.77 23.31
N GLY C 45 -3.06 22.06 22.20
CA GLY C 45 -3.02 22.70 20.89
C GLY C 45 -1.69 23.36 20.59
N LYS C 46 -0.74 23.21 21.49
CA LYS C 46 0.63 23.63 21.25
C LYS C 46 1.54 22.42 21.18
N VAL C 47 2.51 22.51 20.28
CA VAL C 47 3.68 21.69 20.30
C VAL C 47 4.74 22.52 21.03
N THR C 48 5.18 21.99 22.16
CA THR C 48 6.22 22.62 22.95
C THR C 48 7.51 21.81 22.76
N ALA C 49 8.56 22.48 22.31
CA ALA C 49 9.85 21.83 22.14
C ALA C 49 10.61 21.92 23.45
N LEU C 50 11.28 20.84 23.80
CA LEU C 50 12.18 20.81 24.94
C LEU C 50 13.59 20.52 24.43
N VAL C 51 14.48 21.49 24.60
CA VAL C 51 15.85 21.40 24.08
C VAL C 51 16.84 21.76 25.19
N GLY C 52 18.09 21.38 25.01
CA GLY C 52 19.15 21.72 25.96
C GLY C 52 20.29 20.71 25.91
N PRO C 53 21.41 21.02 26.58
CA PRO C 53 22.62 20.19 26.46
C PRO C 53 22.44 18.75 26.92
N ASN C 54 23.42 17.91 26.57
CA ASN C 54 23.44 16.53 27.02
C ASN C 54 23.47 16.51 28.55
N GLY C 55 22.62 15.65 29.12
CA GLY C 55 22.49 15.51 30.57
C GLY C 55 21.77 16.63 31.31
N SER C 56 21.12 17.55 30.60
CA SER C 56 20.42 18.66 31.25
C SER C 56 19.14 18.20 31.97
N GLY C 57 18.57 17.08 31.51
CA GLY C 57 17.44 16.44 32.19
C GLY C 57 16.18 16.24 31.36
N LYS C 58 16.31 16.26 30.03
CA LYS C 58 15.15 16.18 29.14
C LYS C 58 14.41 14.83 29.21
N SER C 59 15.14 13.73 29.12
CA SER C 59 14.52 12.40 29.25
C SER C 59 13.95 12.17 30.67
N THR C 60 14.57 12.80 31.67
CA THR C 60 14.06 12.72 33.03
C THR C 60 12.71 13.44 33.15
N VAL C 61 12.58 14.60 32.50
CA VAL C 61 11.28 15.29 32.41
C VAL C 61 10.24 14.38 31.76
N ALA C 62 10.62 13.69 30.68
CA ALA C 62 9.72 12.75 29.99
C ALA C 62 9.30 11.59 30.90
N ALA C 63 10.21 11.10 31.73
CA ALA C 63 9.90 10.02 32.68
C ALA C 63 8.90 10.46 33.75
N LEU C 64 9.07 11.69 34.25
CA LEU C 64 8.17 12.23 35.26
C LEU C 64 6.77 12.52 34.71
N LEU C 65 6.69 12.95 33.45
CA LEU C 65 5.42 13.18 32.77
C LEU C 65 4.57 11.92 32.60
N GLN C 66 5.23 10.77 32.56
CA GLN C 66 4.55 9.48 32.50
C GLN C 66 4.29 8.89 33.88
N ASN C 67 4.71 9.62 34.92
CA ASN C 67 4.62 9.14 36.31
C ASN C 67 5.43 7.87 36.57
N LEU C 68 6.54 7.72 35.84
CA LEU C 68 7.47 6.62 36.11
C LEU C 68 8.26 6.90 37.39
N TYR C 69 8.35 8.17 37.75
CA TYR C 69 8.88 8.60 39.04
C TYR C 69 8.08 9.79 39.49
N GLN C 70 8.09 10.05 40.80
CA GLN C 70 7.44 11.23 41.35
C GLN C 70 8.51 12.26 41.66
N PRO C 71 8.14 13.56 41.58
CA PRO C 71 9.12 14.58 41.88
C PRO C 71 9.50 14.53 43.35
N THR C 72 10.75 14.85 43.66
CA THR C 72 11.22 14.91 45.04
C THR C 72 10.85 16.24 45.72
N GLY C 73 10.45 17.21 44.91
CA GLY C 73 9.90 18.48 45.38
C GLY C 73 9.01 19.08 44.29
N GLY C 74 8.03 19.89 44.69
CA GLY C 74 7.12 20.52 43.72
C GLY C 74 6.06 19.57 43.20
N LYS C 75 5.37 19.98 42.13
CA LYS C 75 4.22 19.25 41.60
C LYS C 75 4.28 19.08 40.09
N VAL C 76 3.83 17.92 39.62
CA VAL C 76 3.57 17.68 38.21
C VAL C 76 2.06 17.50 38.06
N LEU C 77 1.40 18.46 37.41
CA LEU C 77 -0.05 18.50 37.34
C LEU C 77 -0.56 18.24 35.93
N LEU C 78 -1.66 17.49 35.84
CA LEU C 78 -2.39 17.30 34.58
C LEU C 78 -3.84 17.71 34.82
N ASP C 79 -4.31 18.70 34.05
CA ASP C 79 -5.60 19.36 34.31
C ASP C 79 -5.72 19.77 35.80
N GLY C 80 -4.62 20.25 36.37
CA GLY C 80 -4.60 20.79 37.73
C GLY C 80 -4.55 19.78 38.88
N GLU C 81 -4.42 18.49 38.54
CA GLU C 81 -4.35 17.43 39.53
C GLU C 81 -2.99 16.72 39.41
N PRO C 82 -2.33 16.42 40.55
CA PRO C 82 -1.11 15.63 40.55
C PRO C 82 -1.27 14.31 39.80
N LEU C 83 -0.25 13.87 39.09
CA LEU C 83 -0.36 12.68 38.25
C LEU C 83 -0.76 11.41 39.04
N VAL C 84 -0.30 11.31 40.29
CA VAL C 84 -0.65 10.16 41.13
C VAL C 84 -2.15 10.05 41.44
N GLN C 85 -2.88 11.16 41.31
CA GLN C 85 -4.33 11.17 41.52
C GLN C 85 -5.09 10.33 40.49
N TYR C 86 -4.50 10.20 39.31
CA TYR C 86 -5.15 9.49 38.21
C TYR C 86 -5.00 7.97 38.32
N ASP C 87 -6.06 7.26 37.91
CA ASP C 87 -5.99 5.82 37.72
C ASP C 87 -4.84 5.52 36.75
N HIS C 88 -4.01 4.55 37.11
CA HIS C 88 -2.82 4.22 36.32
C HIS C 88 -3.12 3.80 34.88
N HIS C 89 -4.17 3.02 34.71
CA HIS C 89 -4.63 2.63 33.37
C HIS C 89 -5.18 3.84 32.63
N TYR C 90 -5.93 4.70 33.33
CA TYR C 90 -6.44 5.93 32.71
C TYR C 90 -5.31 6.80 32.18
N LEU C 91 -4.29 7.01 33.02
CA LEU C 91 -3.15 7.86 32.65
C LEU C 91 -2.45 7.32 31.41
N HIS C 92 -2.28 6.00 31.35
CA HIS C 92 -1.69 5.34 30.17
C HIS C 92 -2.52 5.55 28.90
N THR C 93 -3.85 5.61 29.02
CA THR C 93 -4.72 5.92 27.86
C THR C 93 -4.54 7.37 27.39
N GLN C 94 -4.20 8.27 28.31
CA GLN C 94 -4.12 9.72 28.02
C GLN C 94 -2.72 10.25 27.69
N VAL C 95 -1.68 9.57 28.18
CA VAL C 95 -0.29 10.01 27.97
C VAL C 95 0.51 8.89 27.27
N ALA C 96 1.04 9.19 26.10
CA ALA C 96 1.88 8.24 25.36
C ALA C 96 3.26 8.87 25.11
N ALA C 97 4.30 8.06 25.26
CA ALA C 97 5.68 8.47 25.01
C ALA C 97 6.32 7.56 23.97
N VAL C 98 7.06 8.16 23.04
CA VAL C 98 7.90 7.43 22.09
C VAL C 98 9.36 7.83 22.35
N GLY C 99 10.25 6.84 22.32
CA GLY C 99 11.69 7.07 22.42
C GLY C 99 12.43 6.26 21.38
N GLN C 100 13.59 5.72 21.76
CA GLN C 100 14.33 4.79 20.91
C GLN C 100 14.12 3.34 21.39
N GLU C 101 13.13 3.13 22.27
CA GLU C 101 12.81 1.81 22.81
C GLU C 101 12.19 0.92 21.73
N PRO C 102 12.94 -0.11 21.26
CA PRO C 102 12.58 -0.85 20.06
C PRO C 102 11.35 -1.77 20.21
N LEU C 103 11.03 -2.47 19.13
CA LEU C 103 9.76 -3.23 19.04
C LEU C 103 9.79 -4.51 19.89
N LEU C 104 8.60 -5.05 20.13
CA LEU C 104 8.45 -6.30 20.89
C LEU C 104 8.53 -7.50 19.95
N PHE C 105 9.53 -8.36 20.18
CA PHE C 105 9.71 -9.54 19.33
C PHE C 105 8.74 -10.65 19.72
N GLY C 106 8.55 -11.62 18.83
CA GLY C 106 7.62 -12.72 19.07
C GLY C 106 6.16 -12.38 18.75
N ARG C 107 5.91 -11.15 18.30
CA ARG C 107 4.59 -10.76 17.83
C ARG C 107 4.68 -10.00 16.52
N SER C 108 3.52 -9.84 15.90
CA SER C 108 3.43 -9.27 14.57
C SER C 108 3.60 -7.77 14.60
N PHE C 109 3.73 -7.19 13.40
CA PHE C 109 3.76 -5.75 13.26
C PHE C 109 2.45 -5.13 13.70
N ARG C 110 1.32 -5.77 13.39
CA ARG C 110 0.01 -5.31 13.85
C ARG C 110 -0.06 -5.31 15.38
N GLU C 111 0.40 -6.38 15.99
CA GLU C 111 0.39 -6.46 17.45
C GLU C 111 1.30 -5.38 18.05
N ASN C 112 2.43 -5.11 17.41
CA ASN C 112 3.36 -4.06 17.88
C ASN C 112 2.76 -2.66 17.78
N ILE C 113 1.99 -2.41 16.73
CA ILE C 113 1.30 -1.13 16.58
C ILE C 113 0.14 -1.02 17.57
N ALA C 114 -0.61 -2.10 17.76
CA ALA C 114 -1.74 -2.11 18.67
C ALA C 114 -1.36 -2.26 20.15
N TYR C 115 -0.09 -2.50 20.43
CA TYR C 115 0.37 -2.71 21.81
C TYR C 115 0.14 -1.46 22.66
N GLY C 116 -0.52 -1.66 23.80
CA GLY C 116 -0.81 -0.57 24.73
C GLY C 116 -2.25 -0.07 24.65
N LEU C 117 -2.93 -0.36 23.53
CA LEU C 117 -4.33 0.02 23.36
C LEU C 117 -5.24 -0.81 24.25
N THR C 118 -6.30 -0.16 24.75
CA THR C 118 -7.32 -0.82 25.56
C THR C 118 -8.53 -1.23 24.72
N ARG C 119 -8.25 -1.62 23.47
CA ARG C 119 -9.27 -2.03 22.51
C ARG C 119 -8.56 -2.65 21.30
N THR C 120 -9.33 -3.28 20.41
CA THR C 120 -8.77 -3.96 19.25
C THR C 120 -9.04 -3.15 17.97
N PRO C 121 -8.07 -2.33 17.53
CA PRO C 121 -8.29 -1.56 16.32
C PRO C 121 -8.48 -2.40 15.05
N THR C 122 -9.16 -1.82 14.07
CA THR C 122 -9.42 -2.50 12.80
C THR C 122 -8.16 -2.42 11.93
N MET C 123 -8.11 -3.23 10.88
CA MET C 123 -7.00 -3.14 9.91
C MET C 123 -6.95 -1.77 9.24
N GLU C 124 -8.12 -1.19 8.98
CA GLU C 124 -8.20 0.16 8.40
C GLU C 124 -7.47 1.17 9.31
N GLU C 125 -7.74 1.09 10.61
CA GLU C 125 -7.12 1.98 11.60
C GLU C 125 -5.61 1.76 11.70
N ILE C 126 -5.19 0.50 11.70
CA ILE C 126 -3.79 0.14 11.73
C ILE C 126 -3.03 0.68 10.52
N THR C 127 -3.58 0.46 9.32
CA THR C 127 -2.93 0.95 8.09
C THR C 127 -2.91 2.47 8.03
N ALA C 128 -3.95 3.10 8.57
CA ALA C 128 -4.06 4.57 8.57
C ALA C 128 -2.90 5.21 9.35
N VAL C 129 -2.66 4.74 10.57
CA VAL C 129 -1.56 5.27 11.39
CA VAL C 129 -1.56 5.28 11.39
C VAL C 129 -0.19 4.89 10.82
N ALA C 130 -0.08 3.68 10.29
CA ALA C 130 1.18 3.24 9.68
C ALA C 130 1.50 4.08 8.43
N MET C 131 0.47 4.48 7.68
CA MET C 131 0.64 5.41 6.57
C MET C 131 1.10 6.79 7.06
N GLU C 132 0.54 7.22 8.18
CA GLU C 132 0.95 8.49 8.81
C GLU C 132 2.41 8.48 9.27
N SER C 133 2.86 7.37 9.85
CA SER C 133 4.20 7.28 10.42
C SER C 133 5.29 6.87 9.41
N GLY C 134 4.86 6.38 8.24
CA GLY C 134 5.79 5.96 7.18
C GLY C 134 6.15 4.49 7.21
N ALA C 135 5.35 3.70 7.90
CA ALA C 135 5.63 2.27 8.09
C ALA C 135 4.84 1.37 7.14
N HIS C 136 3.80 1.90 6.49
CA HIS C 136 2.89 1.08 5.69
C HIS C 136 3.53 0.49 4.44
N ASP C 137 4.26 1.31 3.69
CA ASP C 137 4.85 0.85 2.44
C ASP C 137 5.78 -0.36 2.66
N PHE C 138 6.66 -0.29 3.66
CA PHE C 138 7.62 -1.38 3.86
C PHE C 138 6.95 -2.64 4.43
N ILE C 139 6.01 -2.48 5.36
CA ILE C 139 5.29 -3.62 5.92
C ILE C 139 4.46 -4.34 4.86
N SER C 140 3.84 -3.56 3.96
CA SER C 140 2.99 -4.12 2.91
CA SER C 140 2.99 -4.13 2.92
C SER C 140 3.79 -4.89 1.85
N GLY C 141 5.11 -4.72 1.86
CA GLY C 141 5.99 -5.48 0.99
C GLY C 141 6.32 -6.87 1.51
N PHE C 142 6.02 -7.15 2.78
CA PHE C 142 6.29 -8.47 3.35
C PHE C 142 5.22 -9.46 2.88
N PRO C 143 5.61 -10.73 2.63
CA PRO C 143 4.63 -11.72 2.16
C PRO C 143 3.43 -11.93 3.09
N GLN C 144 3.62 -11.79 4.40
CA GLN C 144 2.52 -11.92 5.37
C GLN C 144 2.01 -10.56 5.87
N GLY C 145 2.55 -9.48 5.32
CA GLY C 145 2.10 -8.13 5.66
C GLY C 145 2.18 -7.79 7.14
N TYR C 146 1.10 -7.23 7.69
CA TYR C 146 1.07 -6.80 9.09
C TYR C 146 1.16 -7.97 10.08
N ASP C 147 0.88 -9.18 9.60
CA ASP C 147 1.03 -10.38 10.43
C ASP C 147 2.47 -10.91 10.45
N THR C 148 3.37 -10.27 9.73
CA THR C 148 4.79 -10.66 9.78
C THR C 148 5.30 -10.52 11.22
N GLU C 149 5.97 -11.56 11.71
CA GLU C 149 6.49 -11.57 13.08
C GLU C 149 7.76 -10.71 13.19
N VAL C 150 7.81 -9.88 14.23
CA VAL C 150 9.02 -9.14 14.58
C VAL C 150 9.94 -10.07 15.37
N GLY C 151 11.17 -10.24 14.89
CA GLY C 151 12.14 -11.13 15.53
C GLY C 151 13.15 -10.42 16.42
N GLU C 152 13.89 -11.22 17.20
CA GLU C 152 15.00 -10.72 18.03
C GLU C 152 16.11 -10.16 17.16
N THR C 153 16.39 -10.85 16.06
CA THR C 153 17.31 -10.37 15.02
C THR C 153 16.70 -10.64 13.65
N GLY C 154 17.40 -10.20 12.60
CA GLY C 154 17.08 -10.59 11.22
C GLY C 154 15.86 -9.93 10.61
N ASN C 155 15.37 -8.86 11.21
CA ASN C 155 14.21 -8.17 10.70
C ASN C 155 14.57 -7.34 9.47
N GLN C 156 13.70 -7.33 8.47
CA GLN C 156 13.84 -6.38 7.36
C GLN C 156 13.40 -5.01 7.85
N LEU C 157 14.21 -4.45 8.75
CA LEU C 157 13.91 -3.19 9.44
C LEU C 157 15.19 -2.40 9.63
N SER C 158 15.23 -1.21 9.04
CA SER C 158 16.28 -0.25 9.34
C SER C 158 15.88 0.50 10.62
N GLY C 159 16.80 1.33 11.12
CA GLY C 159 16.53 2.13 12.31
C GLY C 159 15.34 3.04 12.14
N GLY C 160 15.28 3.72 10.99
CA GLY C 160 14.18 4.62 10.66
C GLY C 160 12.85 3.90 10.51
N GLN C 161 12.88 2.69 9.96
CA GLN C 161 11.69 1.86 9.81
C GLN C 161 11.19 1.38 11.18
N ARG C 162 12.12 1.01 12.04
CA ARG C 162 11.80 0.69 13.44
C ARG C 162 11.17 1.90 14.17
N GLN C 163 11.74 3.10 14.00
CA GLN C 163 11.15 4.32 14.60
C GLN C 163 9.71 4.56 14.07
N ALA C 164 9.50 4.32 12.78
CA ALA C 164 8.17 4.50 12.17
C ALA C 164 7.10 3.62 12.82
N VAL C 165 7.47 2.39 13.18
CA VAL C 165 6.55 1.48 13.84
C VAL C 165 6.23 1.95 15.27
N ALA C 166 7.26 2.36 16.01
CA ALA C 166 7.09 2.90 17.36
C ALA C 166 6.22 4.17 17.37
N LEU C 167 6.38 5.00 16.34
CA LEU C 167 5.57 6.20 16.19
C LEU C 167 4.10 5.85 15.95
N ALA C 168 3.84 4.87 15.10
CA ALA C 168 2.47 4.43 14.82
C ALA C 168 1.77 3.90 16.08
N ARG C 169 2.51 3.21 16.95
CA ARG C 169 1.96 2.71 18.21
C ARG C 169 1.46 3.84 19.10
N ALA C 170 2.23 4.93 19.19
CA ALA C 170 1.84 6.08 19.99
C ALA C 170 0.66 6.83 19.36
N LEU C 171 0.70 7.00 18.05
CA LEU C 171 -0.34 7.75 17.34
C LEU C 171 -1.70 7.06 17.39
N ILE C 172 -1.73 5.74 17.22
CA ILE C 172 -2.99 5.00 17.28
C ILE C 172 -3.68 5.07 18.64
N ARG C 173 -2.91 5.35 19.71
CA ARG C 173 -3.46 5.49 21.06
CA ARG C 173 -3.49 5.47 21.04
C ARG C 173 -4.21 6.81 21.23
N LYS C 174 -4.01 7.74 20.29
CA LYS C 174 -4.68 9.04 20.33
C LYS C 174 -4.66 9.64 21.73
N PRO C 175 -3.45 9.81 22.30
CA PRO C 175 -3.32 10.32 23.65
C PRO C 175 -3.60 11.80 23.68
N ARG C 176 -3.98 12.31 24.85
CA ARG C 176 -4.11 13.76 25.05
C ARG C 176 -2.75 14.44 25.14
N LEU C 177 -1.80 13.75 25.76
CA LEU C 177 -0.42 14.20 25.85
C LEU C 177 0.47 13.24 25.08
N LEU C 178 1.15 13.75 24.06
CA LEU C 178 2.11 12.95 23.29
C LEU C 178 3.52 13.46 23.57
N ILE C 179 4.38 12.57 24.05
CA ILE C 179 5.77 12.88 24.35
C ILE C 179 6.67 12.15 23.35
N LEU C 180 7.42 12.92 22.57
CA LEU C 180 8.36 12.39 21.60
C LEU C 180 9.76 12.69 22.11
N ASP C 181 10.44 11.66 22.60
CA ASP C 181 11.78 11.84 23.17
C ASP C 181 12.80 11.44 22.13
N GLN C 182 13.21 12.43 21.32
CA GLN C 182 14.09 12.21 20.18
C GLN C 182 13.58 11.07 19.31
N ALA C 183 12.26 11.06 19.10
CA ALA C 183 11.60 9.93 18.46
C ALA C 183 11.63 9.98 16.93
N THR C 184 12.16 11.07 16.35
CA THR C 184 12.25 11.20 14.91
C THR C 184 13.66 11.43 14.36
N SER C 185 14.68 11.33 15.22
CA SER C 185 16.08 11.49 14.78
C SER C 185 16.55 10.45 13.76
N ALA C 186 15.95 9.26 13.77
CA ALA C 186 16.29 8.21 12.81
C ALA C 186 15.48 8.33 11.51
N LEU C 187 14.48 9.22 11.47
CA LEU C 187 13.65 9.37 10.27
C LEU C 187 14.35 10.24 9.23
N ASP C 188 14.12 9.94 7.96
CA ASP C 188 14.71 10.72 6.87
C ASP C 188 13.94 12.02 6.65
N ALA C 189 14.43 12.86 5.73
CA ALA C 189 13.84 14.17 5.45
C ALA C 189 12.33 14.10 5.24
N GLY C 190 11.91 13.25 4.30
CA GLY C 190 10.50 13.11 3.93
C GLY C 190 9.59 12.63 5.04
N ASN C 191 10.04 11.63 5.80
N ASN C 191 10.05 11.65 5.81
CA ASN C 191 9.26 11.14 6.94
CA ASN C 191 9.26 11.13 6.94
C ASN C 191 9.16 12.17 8.07
C ASN C 191 9.17 12.13 8.09
N GLN C 192 10.24 12.92 8.27
CA GLN C 192 10.23 14.01 9.23
C GLN C 192 9.18 15.05 8.85
N LEU C 193 9.18 15.46 7.58
CA LEU C 193 8.20 16.45 7.07
C LEU C 193 6.78 15.95 7.31
N ARG C 194 6.53 14.68 7.02
CA ARG C 194 5.19 14.11 7.16
C ARG C 194 4.70 14.08 8.62
N VAL C 195 5.60 13.78 9.55
CA VAL C 195 5.26 13.74 10.98
C VAL C 195 5.03 15.16 11.52
N GLN C 196 5.84 16.11 11.03
CA GLN C 196 5.65 17.52 11.35
C GLN C 196 4.28 18.01 10.84
N ARG C 197 4.04 17.89 9.54
CA ARG C 197 2.75 18.24 8.95
C ARG C 197 1.59 17.69 9.76
N LEU C 198 1.72 16.43 10.17
CA LEU C 198 0.68 15.76 10.97
C LEU C 198 0.44 16.50 12.28
N LEU C 199 1.51 16.80 13.01
CA LEU C 199 1.37 17.41 14.33
C LEU C 199 0.94 18.89 14.30
N TYR C 200 1.29 19.61 13.23
CA TYR C 200 1.02 21.05 13.12
C TYR C 200 -0.20 21.43 12.28
N GLU C 201 -0.55 20.58 11.31
CA GLU C 201 -1.65 20.87 10.39
C GLU C 201 -2.88 19.98 10.57
N SER C 202 -2.73 18.85 11.26
CA SER C 202 -3.86 17.92 11.44
C SER C 202 -4.82 18.43 12.51
N PRO C 203 -6.14 18.41 12.22
CA PRO C 203 -7.12 18.86 13.22
C PRO C 203 -7.22 17.91 14.42
N GLU C 204 -6.88 16.65 14.22
CA GLU C 204 -6.81 15.69 15.32
C GLU C 204 -5.77 16.06 16.36
N TRP C 205 -4.61 16.53 15.91
CA TRP C 205 -3.50 16.90 16.82
C TRP C 205 -3.51 18.36 17.22
N ALA C 206 -4.33 19.18 16.56
CA ALA C 206 -4.53 20.57 16.96
C ALA C 206 -5.19 20.71 18.33
N SER C 207 -5.88 19.67 18.78
CA SER C 207 -6.55 19.68 20.08
C SER C 207 -5.66 19.15 21.21
N ARG C 208 -4.58 18.47 20.86
CA ARG C 208 -3.80 17.70 21.83
C ARG C 208 -2.51 18.42 22.25
N THR C 209 -1.89 17.90 23.30
CA THR C 209 -0.66 18.47 23.86
C THR C 209 0.55 17.65 23.43
N VAL C 210 1.54 18.33 22.84
CA VAL C 210 2.72 17.65 22.33
C VAL C 210 4.00 18.21 22.95
N LEU C 211 4.82 17.31 23.50
CA LEU C 211 6.16 17.65 23.96
C LEU C 211 7.18 17.02 23.01
N LEU C 212 7.94 17.88 22.33
CA LEU C 212 8.90 17.47 21.33
C LEU C 212 10.28 17.69 21.89
N ILE C 213 10.91 16.60 22.36
CA ILE C 213 12.26 16.65 22.89
C ILE C 213 13.22 16.33 21.75
N THR C 214 14.16 17.24 21.49
CA THR C 214 15.02 17.12 20.32
C THR C 214 16.30 17.97 20.40
N HIS C 215 17.34 17.47 19.74
CA HIS C 215 18.55 18.25 19.46
C HIS C 215 18.54 18.82 18.03
N GLN C 216 17.49 18.53 17.27
CA GLN C 216 17.36 19.01 15.89
C GLN C 216 16.79 20.42 15.85
N LEU C 217 17.65 21.40 15.56
CA LEU C 217 17.27 22.81 15.57
C LEU C 217 16.04 23.09 14.70
N SER C 218 16.00 22.50 13.51
CA SER C 218 14.93 22.76 12.56
C SER C 218 13.54 22.36 13.09
N LEU C 219 13.49 21.35 13.96
CA LEU C 219 12.24 20.90 14.56
C LEU C 219 11.82 21.85 15.67
N ALA C 220 12.78 22.23 16.52
CA ALA C 220 12.54 23.17 17.62
C ALA C 220 12.01 24.50 17.12
N GLU C 221 12.64 25.03 16.07
CA GLU C 221 12.26 26.31 15.45
C GLU C 221 10.77 26.42 15.07
N ARG C 222 10.18 25.31 14.64
CA ARG C 222 8.77 25.30 14.22
C ARG C 222 7.77 25.26 15.38
N ALA C 223 8.23 24.94 16.58
CA ALA C 223 7.33 24.75 17.73
C ALA C 223 6.66 26.05 18.18
N HIS C 224 5.47 25.93 18.77
CA HIS C 224 4.71 27.09 19.25
C HIS C 224 5.36 27.71 20.49
N HIS C 225 6.03 26.88 21.27
CA HIS C 225 6.77 27.31 22.45
C HIS C 225 8.01 26.44 22.61
N ILE C 226 9.11 27.04 23.05
CA ILE C 226 10.36 26.31 23.24
C ILE C 226 10.87 26.46 24.67
N LEU C 227 11.18 25.34 25.30
CA LEU C 227 11.78 25.33 26.63
C LEU C 227 13.25 24.94 26.52
N PHE C 228 14.15 25.84 26.93
CA PHE C 228 15.58 25.55 26.98
C PHE C 228 15.97 25.13 28.39
N LEU C 229 16.39 23.88 28.52
CA LEU C 229 16.69 23.27 29.81
C LEU C 229 18.19 23.17 29.99
N LYS C 230 18.68 23.71 31.10
CA LYS C 230 20.09 23.63 31.44
C LYS C 230 20.18 23.34 32.93
N GLU C 231 20.95 22.32 33.29
CA GLU C 231 21.14 21.93 34.69
C GLU C 231 19.80 21.74 35.43
N GLY C 232 18.84 21.09 34.78
CA GLY C 232 17.59 20.73 35.42
C GLY C 232 16.57 21.85 35.60
N SER C 233 16.80 22.99 34.95
CA SER C 233 15.93 24.15 35.06
C SER C 233 15.71 24.82 33.70
N VAL C 234 14.54 25.40 33.49
CA VAL C 234 14.28 26.20 32.29
C VAL C 234 14.91 27.58 32.46
N CYS C 235 16.03 27.82 31.78
CA CYS C 235 16.72 29.10 31.91
C CYS C 235 16.20 30.17 30.94
N GLU C 236 15.52 29.74 29.87
CA GLU C 236 14.82 30.66 28.99
C GLU C 236 13.76 29.92 28.18
N GLN C 237 12.76 30.66 27.70
CA GLN C 237 11.67 30.09 26.92
C GLN C 237 10.92 31.14 26.11
N GLY C 238 10.32 30.68 25.02
CA GLY C 238 9.55 31.52 24.12
C GLY C 238 9.45 30.89 22.75
N THR C 239 8.99 31.68 21.79
CA THR C 239 9.03 31.27 20.39
C THR C 239 10.50 31.31 19.92
N HIS C 240 10.75 30.73 18.75
CA HIS C 240 12.07 30.78 18.13
C HIS C 240 12.54 32.22 17.96
N LEU C 241 11.65 33.08 17.45
CA LEU C 241 11.98 34.48 17.21
C LEU C 241 12.27 35.23 18.52
N GLN C 242 11.48 34.93 19.55
CA GLN C 242 11.68 35.53 20.88
C GLN C 242 13.02 35.12 21.47
N LEU C 243 13.32 33.82 21.43
CA LEU C 243 14.57 33.31 21.98
C LEU C 243 15.80 33.75 21.17
N MET C 244 15.64 33.93 19.87
CA MET C 244 16.73 34.44 19.04
C MET C 244 17.01 35.89 19.40
N GLU C 245 15.95 36.68 19.58
CA GLU C 245 16.08 38.07 20.02
C GLU C 245 16.79 38.16 21.37
N ARG C 246 16.46 37.23 22.26
CA ARG C 246 17.05 37.14 23.60
C ARG C 246 18.58 37.14 23.59
N GLY C 247 19.17 36.43 22.63
CA GLY C 247 20.62 36.37 22.47
C GLY C 247 21.34 35.59 23.56
N GLY C 248 20.67 34.58 24.10
CA GLY C 248 21.21 33.75 25.18
C GLY C 248 21.58 32.34 24.73
N CYS C 249 21.28 31.35 25.58
CA CYS C 249 21.70 29.97 25.33
C CYS C 249 21.10 29.37 24.07
N TYR C 250 19.81 29.60 23.83
CA TYR C 250 19.15 29.05 22.64
C TYR C 250 19.81 29.58 21.37
N ARG C 251 20.09 30.87 21.35
CA ARG C 251 20.76 31.47 20.18
C ARG C 251 22.15 30.86 19.96
N SER C 252 22.89 30.64 21.04
CA SER C 252 24.23 30.03 20.95
C SER C 252 24.19 28.58 20.46
N MET C 253 23.15 27.85 20.83
CA MET C 253 22.93 26.48 20.35
C MET C 253 22.63 26.47 18.86
N VAL C 254 21.77 27.38 18.43
CA VAL C 254 21.40 27.53 17.01
C VAL C 254 22.62 27.90 16.17
N GLU C 255 23.44 28.81 16.68
CA GLU C 255 24.60 29.32 15.93
C GLU C 255 25.84 28.45 16.06
N ALA C 256 25.83 27.50 16.98
CA ALA C 256 26.93 26.56 17.14
C ALA C 256 27.28 25.89 15.80
N LEU C 257 26.24 25.49 15.05
CA LEU C 257 26.39 24.97 13.69
C LEU C 257 25.51 25.76 12.72
N SER D 5 40.71 -17.45 3.99
CA SER D 5 41.31 -16.63 2.89
C SER D 5 42.34 -15.62 3.41
N GLY D 6 42.11 -15.10 4.62
CA GLY D 6 42.77 -13.87 5.07
C GLY D 6 43.99 -13.98 5.96
N SER D 7 45.17 -13.77 5.37
CA SER D 7 46.42 -13.66 6.12
C SER D 7 47.21 -12.39 5.76
N LEU D 8 46.53 -11.40 5.17
CA LEU D 8 47.15 -10.11 4.90
C LEU D 8 47.09 -9.20 6.13
N ALA D 9 48.21 -8.54 6.41
CA ALA D 9 48.34 -7.63 7.53
C ALA D 9 49.56 -6.74 7.29
N PRO D 10 49.49 -5.85 6.30
CA PRO D 10 50.63 -5.00 5.95
C PRO D 10 50.91 -3.93 7.01
N LEU D 11 52.18 -3.56 7.17
CA LEU D 11 52.58 -2.55 8.15
C LEU D 11 52.01 -1.17 7.79
N ASN D 12 52.01 -0.84 6.50
CA ASN D 12 51.46 0.42 6.00
C ASN D 12 50.07 0.21 5.38
N MET D 13 49.10 1.02 5.81
CA MET D 13 47.74 0.98 5.30
C MET D 13 47.29 2.39 4.97
N LYS D 14 47.02 2.66 3.70
CA LYS D 14 46.61 3.99 3.27
C LYS D 14 45.15 4.27 3.64
N GLY D 15 44.31 3.25 3.50
CA GLY D 15 42.89 3.35 3.84
C GLY D 15 42.03 3.78 2.65
N LEU D 16 42.47 3.45 1.45
CA LEU D 16 41.70 3.74 0.23
C LEU D 16 40.65 2.67 0.06
N VAL D 17 39.38 3.04 0.16
CA VAL D 17 38.29 2.09 0.08
C VAL D 17 37.55 2.23 -1.25
N LYS D 18 37.30 1.10 -1.90
CA LYS D 18 36.52 1.09 -3.14
C LYS D 18 35.41 0.04 -3.12
N PHE D 19 34.17 0.49 -3.28
CA PHE D 19 33.07 -0.40 -3.65
C PHE D 19 33.06 -0.45 -5.18
N GLN D 20 33.25 -1.65 -5.73
CA GLN D 20 33.28 -1.82 -7.18
C GLN D 20 32.09 -2.68 -7.61
N ASP D 21 31.06 -2.01 -8.14
CA ASP D 21 29.85 -2.65 -8.67
C ASP D 21 29.20 -3.61 -7.67
N VAL D 22 29.11 -3.19 -6.42
CA VAL D 22 28.65 -4.06 -5.34
C VAL D 22 27.12 -4.28 -5.33
N SER D 23 26.74 -5.55 -5.18
CA SER D 23 25.37 -5.94 -4.91
CA SER D 23 25.36 -5.92 -4.90
C SER D 23 25.32 -6.73 -3.60
N PHE D 24 24.19 -6.70 -2.92
CA PHE D 24 24.02 -7.44 -1.67
C PHE D 24 22.55 -7.62 -1.33
N ALA D 25 22.23 -8.85 -0.92
CA ALA D 25 21.00 -9.18 -0.20
C ALA D 25 21.42 -9.90 1.08
N TYR D 26 20.63 -9.78 2.14
CA TYR D 26 20.92 -10.47 3.38
C TYR D 26 20.70 -11.97 3.14
N PRO D 27 21.61 -12.83 3.62
CA PRO D 27 21.56 -14.27 3.33
C PRO D 27 20.24 -14.96 3.70
N ASN D 28 19.59 -14.51 4.76
CA ASN D 28 18.32 -15.12 5.16
C ASN D 28 17.07 -14.40 4.58
N HIS D 29 17.31 -13.38 3.76
CA HIS D 29 16.29 -12.81 2.86
C HIS D 29 16.92 -12.57 1.48
N PRO D 30 17.35 -13.66 0.83
CA PRO D 30 18.26 -13.60 -0.33
C PRO D 30 17.65 -13.07 -1.64
N ASN D 31 16.33 -13.00 -1.73
CA ASN D 31 15.66 -12.54 -2.96
C ASN D 31 15.21 -11.08 -2.91
N VAL D 32 15.51 -10.38 -1.82
CA VAL D 32 15.24 -8.96 -1.70
C VAL D 32 16.56 -8.21 -1.78
N GLN D 33 16.81 -7.57 -2.91
CA GLN D 33 18.08 -6.88 -3.15
C GLN D 33 18.13 -5.60 -2.31
N VAL D 34 19.25 -5.41 -1.62
CA VAL D 34 19.43 -4.26 -0.76
C VAL D 34 20.38 -3.26 -1.43
N LEU D 35 21.57 -3.71 -1.82
CA LEU D 35 22.51 -2.89 -2.57
C LEU D 35 22.58 -3.43 -4.00
N GLN D 36 22.79 -2.54 -4.96
CA GLN D 36 22.85 -2.96 -6.36
C GLN D 36 23.59 -1.95 -7.24
N GLY D 37 24.59 -2.44 -7.96
CA GLY D 37 25.41 -1.59 -8.82
C GLY D 37 26.05 -0.47 -8.03
N LEU D 38 26.47 -0.81 -6.81
CA LEU D 38 26.94 0.19 -5.85
C LEU D 38 28.42 0.44 -6.07
N THR D 39 28.75 1.67 -6.47
CA THR D 39 30.14 2.04 -6.75
C THR D 39 30.50 3.39 -6.13
N PHE D 40 31.53 3.39 -5.29
CA PHE D 40 32.11 4.62 -4.78
C PHE D 40 33.52 4.39 -4.24
N THR D 41 34.22 5.49 -4.00
CA THR D 41 35.55 5.48 -3.42
C THR D 41 35.60 6.39 -2.20
N LEU D 42 36.21 5.91 -1.12
CA LEU D 42 36.48 6.73 0.06
C LEU D 42 37.98 7.01 0.11
N TYR D 43 38.37 8.27 -0.08
CA TYR D 43 39.78 8.66 -0.08
C TYR D 43 40.26 9.02 1.33
N PRO D 44 41.48 8.60 1.69
CA PRO D 44 42.08 9.05 2.95
C PRO D 44 42.24 10.57 2.97
N GLY D 45 42.06 11.16 4.15
CA GLY D 45 42.09 12.62 4.30
C GLY D 45 40.80 13.30 3.87
N LYS D 46 39.78 12.50 3.55
CA LYS D 46 38.45 13.02 3.30
C LYS D 46 37.48 12.45 4.33
N VAL D 47 36.54 13.31 4.73
CA VAL D 47 35.30 12.87 5.32
C VAL D 47 34.31 12.77 4.18
N THR D 48 33.77 11.59 3.97
CA THR D 48 32.75 11.36 2.98
C THR D 48 31.45 11.09 3.72
N ALA D 49 30.45 11.93 3.47
CA ALA D 49 29.13 11.72 4.06
C ALA D 49 28.35 10.73 3.20
N LEU D 50 27.56 9.90 3.87
CA LEU D 50 26.67 8.96 3.20
C LEU D 50 25.26 9.27 3.66
N VAL D 51 24.46 9.80 2.74
CA VAL D 51 23.09 10.23 3.06
C VAL D 51 22.14 9.48 2.16
N GLY D 52 20.86 9.46 2.55
CA GLY D 52 19.84 8.81 1.73
C GLY D 52 18.62 8.40 2.54
N PRO D 53 17.50 8.06 1.85
CA PRO D 53 16.23 7.81 2.52
C PRO D 53 16.27 6.60 3.45
N ASN D 54 15.28 6.51 4.34
CA ASN D 54 15.18 5.35 5.23
C ASN D 54 15.14 4.07 4.41
N GLY D 55 15.93 3.08 4.82
CA GLY D 55 15.98 1.79 4.14
C GLY D 55 16.76 1.76 2.83
N SER D 56 17.47 2.85 2.50
CA SER D 56 18.23 2.91 1.24
C SER D 56 19.46 1.99 1.23
N GLY D 57 19.95 1.64 2.43
CA GLY D 57 21.04 0.68 2.60
C GLY D 57 22.32 1.22 3.24
N LYS D 58 22.21 2.30 4.00
CA LYS D 58 23.39 2.97 4.55
C LYS D 58 24.06 2.13 5.64
N SER D 59 23.27 1.61 6.59
CA SER D 59 23.82 0.73 7.61
C SER D 59 24.35 -0.57 7.00
N THR D 60 23.74 -1.02 5.90
CA THR D 60 24.20 -2.22 5.20
C THR D 60 25.59 -1.99 4.58
N VAL D 61 25.81 -0.79 4.03
CA VAL D 61 27.13 -0.41 3.56
C VAL D 61 28.12 -0.42 4.71
N ALA D 62 27.72 0.11 5.86
CA ALA D 62 28.58 0.09 7.05
C ALA D 62 28.95 -1.34 7.49
N ALA D 63 27.99 -2.26 7.42
CA ALA D 63 28.24 -3.67 7.75
C ALA D 63 29.22 -4.37 6.79
N LEU D 64 29.04 -4.15 5.49
CA LEU D 64 29.97 -4.69 4.48
C LEU D 64 31.39 -4.12 4.62
N LEU D 65 31.49 -2.85 5.02
CA LEU D 65 32.79 -2.20 5.25
C LEU D 65 33.58 -2.82 6.38
N GLN D 66 32.88 -3.45 7.33
CA GLN D 66 33.50 -4.15 8.45
C GLN D 66 33.69 -5.64 8.17
N ASN D 67 33.30 -6.07 6.97
CA ASN D 67 33.32 -7.47 6.56
C ASN D 67 32.44 -8.37 7.43
N LEU D 68 31.33 -7.82 7.92
CA LEU D 68 30.34 -8.62 8.65
C LEU D 68 29.53 -9.49 7.69
N TYR D 69 29.43 -9.02 6.46
CA TYR D 69 28.88 -9.77 5.34
C TYR D 69 29.75 -9.54 4.12
N GLN D 70 29.66 -10.43 3.15
CA GLN D 70 30.37 -10.27 1.89
C GLN D 70 29.39 -9.84 0.80
N PRO D 71 29.88 -9.08 -0.20
CA PRO D 71 29.01 -8.73 -1.31
C PRO D 71 28.60 -9.96 -2.10
N THR D 72 27.34 -10.00 -2.53
CA THR D 72 26.85 -11.08 -3.37
C THR D 72 27.23 -10.87 -4.85
N GLY D 73 27.67 -9.66 -5.18
CA GLY D 73 28.25 -9.35 -6.49
C GLY D 73 29.19 -8.16 -6.35
N GLY D 74 30.18 -8.06 -7.24
CA GLY D 74 31.16 -6.97 -7.17
C GLY D 74 32.20 -7.19 -6.09
N LYS D 75 32.91 -6.13 -5.74
CA LYS D 75 34.03 -6.19 -4.78
C LYS D 75 34.02 -5.03 -3.79
N VAL D 76 34.47 -5.30 -2.57
CA VAL D 76 34.78 -4.28 -1.58
C VAL D 76 36.28 -4.32 -1.32
N LEU D 77 36.99 -3.32 -1.84
CA LEU D 77 38.45 -3.30 -1.75
C LEU D 77 38.94 -2.31 -0.69
N LEU D 78 39.99 -2.72 0.01
CA LEU D 78 40.73 -1.84 0.91
C LEU D 78 42.19 -1.86 0.49
N ASP D 79 42.70 -0.71 0.02
CA ASP D 79 44.01 -0.61 -0.62
C ASP D 79 44.16 -1.62 -1.77
N GLY D 80 43.09 -1.80 -2.55
CA GLY D 80 43.11 -2.65 -3.74
C GLY D 80 42.91 -4.14 -3.49
N GLU D 81 42.73 -4.53 -2.23
CA GLU D 81 42.55 -5.95 -1.87
C GLU D 81 41.17 -6.20 -1.27
N PRO D 82 40.50 -7.30 -1.67
CA PRO D 82 39.22 -7.66 -1.05
C PRO D 82 39.32 -7.87 0.46
N LEU D 83 38.33 -7.38 1.21
CA LEU D 83 38.39 -7.40 2.69
C LEU D 83 38.64 -8.79 3.26
N VAL D 84 38.10 -9.82 2.61
N VAL D 84 38.10 -9.82 2.61
CA VAL D 84 38.30 -11.22 3.00
CA VAL D 84 38.29 -11.21 3.01
C VAL D 84 39.78 -11.63 3.03
C VAL D 84 39.78 -11.63 3.02
N GLN D 85 40.61 -10.94 2.25
CA GLN D 85 42.05 -11.24 2.19
C GLN D 85 42.81 -10.83 3.45
N TYR D 86 42.24 -9.92 4.24
CA TYR D 86 42.90 -9.46 5.47
C TYR D 86 42.63 -10.42 6.63
N ASP D 87 43.65 -10.60 7.47
CA ASP D 87 43.49 -11.27 8.75
C ASP D 87 42.38 -10.56 9.54
N HIS D 88 41.48 -11.32 10.15
CA HIS D 88 40.31 -10.75 10.83
C HIS D 88 40.69 -9.87 12.01
N HIS D 89 41.73 -10.25 12.75
CA HIS D 89 42.24 -9.42 13.84
C HIS D 89 42.88 -8.13 13.30
N TYR D 90 43.67 -8.24 12.24
CA TYR D 90 44.26 -7.06 11.61
C TYR D 90 43.18 -6.06 11.16
N LEU D 91 42.17 -6.57 10.43
CA LEU D 91 41.11 -5.72 9.90
C LEU D 91 40.43 -4.93 11.04
N HIS D 92 40.23 -5.58 12.17
CA HIS D 92 39.67 -4.94 13.37
C HIS D 92 40.56 -3.81 13.90
N THR D 93 41.88 -3.93 13.73
CA THR D 93 42.79 -2.86 14.14
C THR D 93 42.70 -1.65 13.21
N GLN D 94 42.31 -1.87 11.96
CA GLN D 94 42.29 -0.80 10.95
C GLN D 94 40.93 -0.12 10.75
N VAL D 95 39.85 -0.87 10.98
CA VAL D 95 38.49 -0.40 10.74
C VAL D 95 37.67 -0.43 12.03
N ALA D 96 37.18 0.73 12.45
CA ALA D 96 36.32 0.85 13.62
C ALA D 96 35.01 1.49 13.22
N ALA D 97 33.91 0.98 13.77
CA ALA D 97 32.59 1.51 13.48
C ALA D 97 31.89 1.87 14.79
N VAL D 98 31.18 2.99 14.76
CA VAL D 98 30.35 3.40 15.89
C VAL D 98 28.91 3.53 15.41
N GLY D 99 28.00 2.84 16.10
CA GLY D 99 26.57 2.90 15.79
C GLY D 99 25.78 3.28 17.02
N GLN D 100 25.02 2.32 17.54
CA GLN D 100 24.16 2.54 18.71
C GLN D 100 24.13 1.32 19.61
N LEU D 103 26.62 -0.20 25.18
CA LEU D 103 27.73 -0.14 26.15
C LEU D 103 27.72 -1.42 26.97
N LEU D 104 28.90 -1.91 27.33
CA LEU D 104 29.04 -3.23 27.96
C LEU D 104 28.92 -3.18 29.49
N PHE D 105 27.89 -3.82 30.02
CA PHE D 105 27.64 -3.81 31.46
C PHE D 105 28.52 -4.83 32.18
N GLY D 106 28.75 -4.61 33.47
CA GLY D 106 29.63 -5.47 34.26
C GLY D 106 31.07 -5.01 34.28
N ARG D 107 31.42 -4.05 33.42
CA ARG D 107 32.76 -3.49 33.41
C ARG D 107 32.75 -1.96 33.51
N SER D 108 33.92 -1.41 33.80
CA SER D 108 34.08 0.02 34.07
C SER D 108 33.96 0.87 32.80
N PHE D 109 33.88 2.19 33.01
CA PHE D 109 33.97 3.13 31.90
C PHE D 109 35.30 3.02 31.17
N ARG D 110 36.40 2.87 31.92
CA ARG D 110 37.73 2.67 31.35
C ARG D 110 37.79 1.43 30.46
N GLU D 111 37.28 0.31 30.98
CA GLU D 111 37.21 -0.94 30.23
C GLU D 111 36.30 -0.81 29.00
N ASN D 112 35.23 -0.04 29.13
CA ASN D 112 34.32 0.21 28.01
C ASN D 112 34.97 1.00 26.88
N ILE D 113 35.78 1.98 27.25
CA ILE D 113 36.58 2.74 26.28
C ILE D 113 37.70 1.91 25.66
N ALA D 114 38.37 1.09 26.47
CA ALA D 114 39.50 0.27 26.01
C ALA D 114 39.08 -1.01 25.27
N TYR D 115 37.80 -1.38 25.35
CA TYR D 115 37.31 -2.61 24.74
C TYR D 115 37.59 -2.61 23.24
N GLY D 116 38.25 -3.66 22.76
CA GLY D 116 38.59 -3.78 21.35
C GLY D 116 40.08 -3.61 21.08
N LEU D 117 40.76 -2.91 21.98
CA LEU D 117 42.19 -2.65 21.81
C LEU D 117 43.02 -3.91 22.04
N THR D 118 44.08 -4.03 21.26
CA THR D 118 45.03 -5.13 21.38
C THR D 118 46.24 -4.74 22.24
N ARG D 119 46.00 -3.79 23.14
CA ARG D 119 47.01 -3.31 24.08
C ARG D 119 46.27 -2.63 25.24
N THR D 120 46.98 -2.37 26.33
CA THR D 120 46.41 -1.76 27.53
C THR D 120 46.81 -0.29 27.60
N PRO D 121 45.92 0.63 27.14
CA PRO D 121 46.28 2.05 27.17
C PRO D 121 46.41 2.64 28.57
N THR D 122 47.17 3.74 28.66
CA THR D 122 47.39 4.43 29.91
C THR D 122 46.17 5.25 30.29
N MET D 123 46.08 5.69 31.54
CA MET D 123 45.00 6.58 31.96
C MET D 123 45.09 7.91 31.20
N GLU D 124 46.31 8.34 30.88
CA GLU D 124 46.51 9.56 30.08
C GLU D 124 45.85 9.43 28.71
N GLU D 125 45.97 8.27 28.09
CA GLU D 125 45.38 8.00 26.76
C GLU D 125 43.86 7.91 26.83
N ILE D 126 43.36 7.31 27.91
CA ILE D 126 41.92 7.16 28.15
C ILE D 126 41.24 8.51 28.37
N THR D 127 41.81 9.35 29.22
CA THR D 127 41.23 10.68 29.47
C THR D 127 41.34 11.57 28.24
N ALA D 128 42.41 11.42 27.48
CA ALA D 128 42.62 12.22 26.27
C ALA D 128 41.46 12.04 25.29
N VAL D 129 41.12 10.79 24.99
CA VAL D 129 40.04 10.50 24.03
CA VAL D 129 40.05 10.50 24.04
C VAL D 129 38.67 10.80 24.61
N ALA D 130 38.50 10.61 25.92
CA ALA D 130 37.24 10.96 26.59
C ALA D 130 37.03 12.48 26.55
N MET D 131 38.12 13.24 26.70
CA MET D 131 38.06 14.70 26.55
C MET D 131 37.69 15.06 25.12
N GLU D 132 38.27 14.35 24.14
CA GLU D 132 37.94 14.58 22.74
C GLU D 132 36.47 14.33 22.40
N SER D 133 35.88 13.30 22.99
CA SER D 133 34.51 12.87 22.66
C SER D 133 33.42 13.52 23.52
N GLY D 134 33.82 14.25 24.56
CA GLY D 134 32.88 14.92 25.45
C GLY D 134 32.42 14.07 26.64
N ALA D 135 33.13 12.98 26.92
CA ALA D 135 32.75 12.05 27.99
C ALA D 135 33.52 12.23 29.30
N HIS D 136 34.62 13.00 29.27
CA HIS D 136 35.50 13.12 30.44
C HIS D 136 34.88 13.87 31.62
N ASP D 137 34.17 14.97 31.35
CA ASP D 137 33.59 15.77 32.44
C ASP D 137 32.60 14.99 33.28
N PHE D 138 31.68 14.24 32.66
CA PHE D 138 30.68 13.50 33.45
C PHE D 138 31.31 12.32 34.21
N ILE D 139 32.23 11.59 33.57
CA ILE D 139 32.88 10.45 34.20
C ILE D 139 33.74 10.90 35.40
N SER D 140 34.42 12.03 35.26
CA SER D 140 35.24 12.60 36.33
C SER D 140 34.44 13.07 37.54
N GLY D 141 33.14 13.28 37.36
CA GLY D 141 32.26 13.63 38.46
C GLY D 141 31.80 12.45 39.30
N PHE D 142 32.02 11.22 38.80
CA PHE D 142 31.68 10.02 39.54
C PHE D 142 32.69 9.79 40.65
N PRO D 143 32.26 9.26 41.80
CA PRO D 143 33.17 9.04 42.93
C PRO D 143 34.30 8.06 42.63
N GLN D 144 34.01 7.00 41.88
CA GLN D 144 35.05 6.04 41.44
C GLN D 144 35.64 6.39 40.07
N GLY D 145 35.20 7.51 39.48
CA GLY D 145 35.76 8.00 38.23
C GLY D 145 35.64 7.01 37.09
N TYR D 146 36.75 6.80 36.38
CA TYR D 146 36.76 5.87 35.25
C TYR D 146 36.56 4.40 35.64
N ASP D 147 36.74 4.08 36.92
CA ASP D 147 36.53 2.72 37.44
C ASP D 147 35.06 2.47 37.79
N THR D 148 34.21 3.47 37.63
CA THR D 148 32.78 3.29 37.88
C THR D 148 32.23 2.20 36.95
N GLU D 149 31.46 1.28 37.52
CA GLU D 149 30.92 0.15 36.77
C GLU D 149 29.70 0.60 35.94
N VAL D 150 29.64 0.14 34.69
CA VAL D 150 28.44 0.30 33.86
C VAL D 150 27.47 -0.84 34.21
N GLY D 151 26.25 -0.49 34.59
CA GLY D 151 25.22 -1.47 34.94
C GLY D 151 24.19 -1.70 33.84
N GLU D 152 23.37 -2.73 34.01
CA GLU D 152 22.29 -3.05 33.06
C GLU D 152 21.19 -1.98 33.09
N THR D 153 21.01 -1.37 34.25
CA THR D 153 20.12 -0.22 34.42
C THR D 153 20.73 0.72 35.45
N GLY D 154 20.14 1.92 35.58
CA GLY D 154 20.44 2.82 36.67
C GLY D 154 21.73 3.61 36.53
N ASN D 155 22.30 3.64 35.33
CA ASN D 155 23.55 4.37 35.11
C ASN D 155 23.30 5.87 35.11
N GLN D 156 24.26 6.66 35.59
CA GLN D 156 24.20 8.11 35.39
C GLN D 156 24.68 8.44 33.99
N LEU D 157 23.88 8.00 33.02
CA LEU D 157 24.18 8.12 31.60
C LEU D 157 22.94 8.52 30.83
N SER D 158 22.99 9.68 30.20
CA SER D 158 22.00 10.06 29.23
C SER D 158 22.36 9.43 27.87
N GLY D 159 21.49 9.62 26.89
CA GLY D 159 21.73 9.13 25.53
C GLY D 159 23.01 9.68 24.91
N GLY D 160 23.17 11.00 24.99
CA GLY D 160 24.36 11.67 24.47
C GLY D 160 25.63 11.28 25.20
N GLN D 161 25.53 11.12 26.51
CA GLN D 161 26.68 10.67 27.31
C GLN D 161 27.12 9.27 26.90
N ARG D 162 26.16 8.38 26.66
CA ARG D 162 26.46 7.04 26.15
C ARG D 162 27.13 7.06 24.77
N GLN D 163 26.65 7.90 23.85
CA GLN D 163 27.27 8.05 22.53
C GLN D 163 28.70 8.62 22.62
N ALA D 164 28.93 9.51 23.59
CA ALA D 164 30.26 10.06 23.82
C ALA D 164 31.27 8.99 24.23
N VAL D 165 30.82 8.07 25.09
CA VAL D 165 31.64 6.93 25.49
C VAL D 165 31.93 6.01 24.31
N ALA D 166 30.91 5.70 23.52
CA ALA D 166 31.06 4.82 22.35
C ALA D 166 32.00 5.42 21.29
N LEU D 167 31.92 6.75 21.12
CA LEU D 167 32.81 7.44 20.21
C LEU D 167 34.26 7.31 20.68
N ALA D 168 34.47 7.55 21.98
CA ALA D 168 35.81 7.45 22.55
C ALA D 168 36.44 6.07 22.34
N ARG D 169 35.63 5.01 22.42
CA ARG D 169 36.11 3.64 22.17
C ARG D 169 36.67 3.50 20.74
N ALA D 170 35.97 4.08 19.76
CA ALA D 170 36.45 4.07 18.37
C ALA D 170 37.70 4.95 18.19
N LEU D 171 37.69 6.13 18.81
CA LEU D 171 38.79 7.09 18.63
C LEU D 171 40.13 6.55 19.13
N ILE D 172 40.09 5.86 20.28
CA ILE D 172 41.30 5.33 20.92
C ILE D 172 41.99 4.24 20.10
N ARG D 173 41.22 3.53 19.27
N ARG D 173 41.22 3.53 19.27
CA ARG D 173 41.78 2.52 18.36
CA ARG D 173 41.75 2.53 18.35
C ARG D 173 42.63 3.16 17.27
C ARG D 173 42.63 3.16 17.27
N LYS D 174 42.43 4.45 17.01
CA LYS D 174 43.15 5.18 15.97
C LYS D 174 43.10 4.39 14.66
N PRO D 175 41.87 4.08 14.19
CA PRO D 175 41.72 3.25 13.01
C PRO D 175 42.06 4.04 11.76
N ARG D 176 42.40 3.33 10.69
CA ARG D 176 42.62 3.96 9.40
C ARG D 176 41.30 4.37 8.75
N LEU D 177 40.28 3.53 8.96
CA LEU D 177 38.93 3.82 8.51
C LEU D 177 37.99 3.93 9.71
N LEU D 178 37.33 5.08 9.84
CA LEU D 178 36.33 5.28 10.90
C LEU D 178 34.95 5.39 10.25
N ILE D 179 34.03 4.55 10.70
CA ILE D 179 32.66 4.58 10.21
C ILE D 179 31.75 5.06 11.34
N LEU D 180 31.04 6.16 11.11
CA LEU D 180 30.08 6.70 12.08
C LEU D 180 28.68 6.52 11.52
N ASP D 181 27.97 5.52 12.02
CA ASP D 181 26.63 5.23 11.55
C ASP D 181 25.64 5.92 12.47
N GLN D 182 25.33 7.18 12.14
CA GLN D 182 24.45 8.03 12.95
C GLN D 182 24.91 8.06 14.40
N ALA D 183 26.23 8.15 14.57
CA ALA D 183 26.88 7.97 15.86
C ALA D 183 26.83 9.23 16.72
N THR D 184 26.40 10.34 16.16
CA THR D 184 26.34 11.60 16.90
C THR D 184 24.94 12.22 16.90
N SER D 185 23.92 11.43 16.52
CA SER D 185 22.53 11.89 16.49
C SER D 185 22.04 12.33 17.89
N ALA D 186 22.57 11.71 18.93
CA ALA D 186 22.19 12.02 20.31
C ALA D 186 23.03 13.17 20.92
N LEU D 187 24.07 13.62 20.24
CA LEU D 187 24.96 14.66 20.79
C LEU D 187 24.34 16.06 20.69
N ASP D 188 24.59 16.89 21.71
CA ASP D 188 24.13 18.29 21.71
C ASP D 188 24.97 19.14 20.76
N ALA D 189 24.58 20.41 20.60
CA ALA D 189 25.22 21.32 19.64
C ALA D 189 26.72 21.43 19.87
N GLY D 190 27.12 21.61 21.12
CA GLY D 190 28.53 21.78 21.48
C GLY D 190 29.38 20.55 21.23
N ASN D 191 28.88 19.38 21.64
CA ASN D 191 29.59 18.11 21.41
C ASN D 191 29.65 17.77 19.94
N GLN D 192 28.56 18.03 19.23
CA GLN D 192 28.52 17.88 17.78
C GLN D 192 29.61 18.75 17.14
N LEU D 193 29.70 20.02 17.54
CA LEU D 193 30.72 20.93 17.01
C LEU D 193 32.14 20.44 17.33
N ARG D 194 32.35 19.98 18.56
CA ARG D 194 33.64 19.43 19.00
C ARG D 194 34.10 18.27 18.12
N VAL D 195 33.19 17.34 17.85
CA VAL D 195 33.52 16.16 17.04
C VAL D 195 33.82 16.54 15.59
N GLN D 196 33.06 17.49 15.06
CA GLN D 196 33.27 17.98 13.70
C GLN D 196 34.66 18.58 13.54
N ARG D 197 35.02 19.52 14.44
CA ARG D 197 36.33 20.15 14.34
C ARG D 197 37.47 19.14 14.60
N LEU D 198 37.22 18.13 15.44
CA LEU D 198 38.17 17.04 15.60
C LEU D 198 38.42 16.35 14.25
N LEU D 199 37.35 15.95 13.58
CA LEU D 199 37.48 15.20 12.33
C LEU D 199 37.99 16.04 11.14
N TYR D 200 37.68 17.34 11.10
CA TYR D 200 38.06 18.19 9.96
C TYR D 200 39.33 19.02 10.19
N GLU D 201 39.65 19.32 11.44
CA GLU D 201 40.79 20.19 11.76
C GLU D 201 41.99 19.48 12.40
N SER D 202 41.77 18.34 13.04
CA SER D 202 42.86 17.61 13.69
C SER D 202 43.76 16.96 12.64
N PRO D 203 45.08 17.23 12.70
CA PRO D 203 46.03 16.62 11.77
C PRO D 203 45.97 15.09 11.75
N GLU D 204 45.75 14.49 12.93
CA GLU D 204 45.64 13.04 13.05
C GLU D 204 44.57 12.43 12.15
N TRP D 205 43.42 13.10 12.02
CA TRP D 205 42.33 12.61 11.18
C TRP D 205 42.45 13.05 9.72
N ALA D 206 43.31 14.03 9.45
CA ALA D 206 43.59 14.48 8.09
C ALA D 206 44.24 13.41 7.22
N SER D 207 44.78 12.36 7.83
CA SER D 207 45.40 11.26 7.09
C SER D 207 44.53 10.01 7.05
N ARG D 208 43.39 10.05 7.73
CA ARG D 208 42.53 8.88 7.89
C ARG D 208 41.27 9.01 7.06
N THR D 209 40.59 7.88 6.87
CA THR D 209 39.37 7.83 6.05
C THR D 209 38.15 7.78 6.95
N VAL D 210 37.20 8.69 6.69
CA VAL D 210 36.02 8.83 7.53
C VAL D 210 34.74 8.72 6.70
N LEU D 211 33.88 7.80 7.11
CA LEU D 211 32.55 7.65 6.52
C LEU D 211 31.52 8.13 7.54
N LEU D 212 30.81 9.20 7.21
CA LEU D 212 29.81 9.80 8.09
C LEU D 212 28.42 9.52 7.55
N ILE D 213 27.73 8.57 8.16
CA ILE D 213 26.36 8.25 7.81
C ILE D 213 25.43 9.07 8.71
N THR D 214 24.57 9.89 8.11
CA THR D 214 23.71 10.79 8.87
C THR D 214 22.49 11.26 8.09
N HIS D 215 21.44 11.61 8.84
CA HIS D 215 20.24 12.29 8.32
C HIS D 215 20.29 13.79 8.63
N GLN D 216 21.34 14.22 9.34
CA GLN D 216 21.49 15.61 9.74
C GLN D 216 22.17 16.39 8.63
N LEU D 217 21.41 17.23 7.95
CA LEU D 217 21.91 18.00 6.81
C LEU D 217 23.16 18.81 7.17
N SER D 218 23.19 19.37 8.39
CA SER D 218 24.30 20.24 8.80
C SER D 218 25.66 19.53 8.82
N LEU D 219 25.65 18.22 9.10
CA LEU D 219 26.86 17.41 9.09
C LEU D 219 27.25 17.03 7.66
N ALA D 220 26.27 16.66 6.84
CA ALA D 220 26.50 16.35 5.43
C ALA D 220 27.18 17.51 4.70
N GLU D 221 26.65 18.71 4.91
CA GLU D 221 27.12 19.94 4.25
C GLU D 221 28.62 20.18 4.41
N ARG D 222 29.16 19.88 5.58
CA ARG D 222 30.58 20.14 5.88
C ARG D 222 31.53 19.13 5.20
N ALA D 223 30.99 18.03 4.71
CA ALA D 223 31.78 16.91 4.17
C ALA D 223 32.51 17.27 2.88
N HIS D 224 33.65 16.62 2.66
CA HIS D 224 34.47 16.85 1.46
C HIS D 224 33.79 16.26 0.22
N HIS D 225 33.12 15.12 0.41
CA HIS D 225 32.36 14.46 -0.64
C HIS D 225 31.08 13.90 -0.03
N ILE D 226 29.99 13.93 -0.78
CA ILE D 226 28.72 13.39 -0.31
C ILE D 226 28.23 12.34 -1.30
N LEU D 227 27.79 11.20 -0.75
CA LEU D 227 27.19 10.13 -1.52
C LEU D 227 25.71 10.07 -1.18
N PHE D 228 24.85 10.36 -2.15
CA PHE D 228 23.42 10.18 -1.95
C PHE D 228 23.05 8.78 -2.39
N LEU D 229 22.66 7.95 -1.42
CA LEU D 229 22.28 6.57 -1.68
C LEU D 229 20.77 6.50 -1.80
N LYS D 230 20.31 5.87 -2.88
CA LYS D 230 18.89 5.65 -3.09
C LYS D 230 18.72 4.27 -3.70
N GLU D 231 17.86 3.47 -3.10
CA GLU D 231 17.60 2.09 -3.56
C GLU D 231 18.89 1.29 -3.78
N GLY D 232 19.83 1.43 -2.86
CA GLY D 232 21.04 0.63 -2.88
C GLY D 232 22.09 1.04 -3.89
N SER D 233 21.94 2.22 -4.47
CA SER D 233 22.92 2.74 -5.43
C SER D 233 23.16 4.24 -5.22
N VAL D 234 24.37 4.68 -5.52
CA VAL D 234 24.72 6.11 -5.50
C VAL D 234 24.20 6.78 -6.76
N CYS D 235 23.07 7.49 -6.64
CA CYS D 235 22.46 8.15 -7.80
C CYS D 235 23.02 9.55 -8.05
N GLU D 236 23.53 10.18 -7.00
CA GLU D 236 24.29 11.43 -7.18
C GLU D 236 25.35 11.59 -6.11
N GLN D 237 26.40 12.34 -6.45
CA GLN D 237 27.50 12.58 -5.52
C GLN D 237 28.27 13.84 -5.84
N GLY D 238 28.91 14.39 -4.81
CA GLY D 238 29.76 15.56 -4.96
C GLY D 238 29.76 16.37 -3.69
N THR D 239 30.22 17.62 -3.79
CA THR D 239 30.19 18.52 -2.65
C THR D 239 28.77 19.04 -2.45
N HIS D 240 28.52 19.66 -1.31
CA HIS D 240 27.20 20.23 -1.00
C HIS D 240 26.77 21.24 -2.06
N LEU D 241 27.67 22.17 -2.38
CA LEU D 241 27.42 23.18 -3.42
C LEU D 241 27.12 22.52 -4.77
N GLN D 242 27.87 21.47 -5.09
CA GLN D 242 27.67 20.73 -6.34
C GLN D 242 26.31 20.03 -6.38
N LEU D 243 25.92 19.42 -5.27
CA LEU D 243 24.65 18.69 -5.23
C LEU D 243 23.43 19.62 -5.18
N MET D 244 23.59 20.79 -4.58
CA MET D 244 22.50 21.77 -4.54
C MET D 244 22.25 22.35 -5.93
N GLU D 245 23.33 22.68 -6.64
CA GLU D 245 23.22 23.15 -8.03
C GLU D 245 22.57 22.09 -8.93
N ARG D 246 22.78 20.83 -8.58
CA ARG D 246 22.28 19.70 -9.37
CA ARG D 246 22.27 19.69 -9.38
C ARG D 246 20.74 19.62 -9.38
N GLY D 247 20.13 20.11 -8.29
CA GLY D 247 18.67 20.19 -8.20
C GLY D 247 17.94 18.86 -8.25
N GLY D 248 18.51 17.85 -7.59
CA GLY D 248 17.95 16.50 -7.59
C GLY D 248 17.50 16.02 -6.21
N CYS D 249 17.92 14.82 -5.84
CA CYS D 249 17.48 14.17 -4.61
C CYS D 249 18.05 14.85 -3.37
N TYR D 250 19.34 15.16 -3.40
CA TYR D 250 19.99 15.84 -2.29
C TYR D 250 19.37 17.21 -2.05
N ARG D 251 19.10 17.93 -3.15
CA ARG D 251 18.44 19.23 -3.10
C ARG D 251 17.08 19.13 -2.43
N SER D 252 16.27 18.18 -2.87
CA SER D 252 14.94 17.95 -2.29
C SER D 252 15.02 17.61 -0.79
N MET D 253 16.02 16.81 -0.43
CA MET D 253 16.24 16.42 0.97
C MET D 253 16.53 17.64 1.86
N VAL D 254 17.45 18.49 1.41
CA VAL D 254 17.84 19.71 2.14
C VAL D 254 16.68 20.70 2.33
N GLU D 255 15.90 20.90 1.27
N GLU D 255 15.89 20.91 1.28
CA GLU D 255 14.77 21.85 1.30
CA GLU D 255 14.78 21.85 1.32
C GLU D 255 13.53 21.26 1.98
C GLU D 255 13.50 21.25 1.94
N ALA D 256 13.52 19.94 2.20
CA ALA D 256 12.39 19.26 2.84
C ALA D 256 12.29 19.66 4.32
PG ATP E . -16.86 -3.79 -7.97
O1G ATP E . -17.03 -2.49 -8.69
O2G ATP E . -15.43 -4.25 -7.82
O3G ATP E . -17.77 -4.88 -8.46
PB ATP E . -18.61 -3.05 -5.68
O1B ATP E . -18.61 -1.57 -5.53
O2B ATP E . -19.82 -3.72 -6.24
O3B ATP E . -17.26 -3.54 -6.42
PA ATP E . -18.96 -4.80 -3.35
O1A ATP E . -20.17 -4.19 -2.70
O2A ATP E . -19.09 -6.09 -4.10
O3A ATP E . -18.26 -3.61 -4.20
O5' ATP E . -17.86 -5.05 -2.22
C5' ATP E . -17.62 -4.04 -1.23
C4' ATP E . -16.61 -4.54 -0.22
O4' ATP E . -17.20 -5.58 0.55
C3' ATP E . -15.36 -5.13 -0.87
O3' ATP E . -14.20 -4.72 -0.15
C2' ATP E . -15.56 -6.63 -0.79
O2' ATP E . -14.35 -7.41 -0.72
C1' ATP E . -16.44 -6.77 0.45
N9 ATP E . -17.35 -7.92 0.36
C8 ATP E . -18.18 -8.22 -0.65
N7 ATP E . -18.87 -9.35 -0.40
C5 ATP E . -18.47 -9.80 0.81
C6 ATP E . -18.79 -10.94 1.67
N6 ATP E . -19.71 -11.85 1.28
N1 ATP E . -18.15 -11.04 2.85
C2 ATP E . -17.23 -10.13 3.25
N3 ATP E . -16.90 -9.07 2.51
C4 ATP E . -17.47 -8.86 1.30
MG MG F . -19.85 -5.60 -7.80
C1 GOL G . -43.53 -21.54 -17.75
O1 GOL G . -42.94 -22.48 -16.86
C2 GOL G . -44.92 -21.11 -17.29
O2 GOL G . -44.85 -20.46 -16.04
C3 GOL G . -45.59 -20.19 -18.30
O3 GOL G . -44.69 -19.27 -18.90
PG ATP H . -21.36 -12.76 -26.16
O1G ATP H . -20.93 -11.49 -26.87
O2G ATP H . -22.82 -12.91 -25.89
O3G ATP H . -20.52 -13.10 -24.96
PB ATP H . -19.72 -14.45 -27.98
O1B ATP H . -19.50 -13.72 -29.27
O2B ATP H . -18.55 -14.53 -27.04
O3B ATP H . -21.08 -13.95 -27.25
PA ATP H . -19.68 -17.36 -27.84
O1A ATP H . -18.45 -17.68 -28.63
O2A ATP H . -19.68 -17.50 -26.35
O3A ATP H . -20.22 -15.93 -28.36
O5' ATP H . -20.88 -18.30 -28.36
C5' ATP H . -21.06 -18.51 -29.77
C4' ATP H . -22.19 -19.51 -29.99
O4' ATP H . -21.73 -20.79 -29.56
C3' ATP H . -23.45 -19.19 -29.18
O3' ATP H . -24.63 -19.41 -29.94
C2' ATP H . -23.39 -20.13 -28.01
O2' ATP H . -24.67 -20.50 -27.48
C1' ATP H . -22.63 -21.31 -28.57
N9 ATP H . -21.85 -22.01 -27.54
C8 ATP H . -20.99 -21.46 -26.67
N7 ATP H . -20.46 -22.42 -25.88
C5 ATP H . -20.99 -23.59 -26.24
C6 ATP H . -20.88 -24.99 -25.82
N6 ATP H . -20.05 -25.33 -24.82
N1 ATP H . -21.62 -25.92 -26.48
C2 ATP H . -22.44 -25.59 -27.48
N3 ATP H . -22.59 -24.34 -27.92
C4 ATP H . -21.91 -23.32 -27.35
MG MG I . -18.56 -14.31 -24.59
C1 GOL J . 5.99 -16.73 -5.23
O1 GOL J . 5.39 -15.54 -5.72
C2 GOL J . 5.04 -17.92 -5.36
O2 GOL J . 5.77 -19.05 -5.76
C3 GOL J . 4.32 -18.19 -4.04
O3 GOL J . 2.96 -18.48 -4.29
C1 GOL K . -24.08 -13.52 -17.77
O1 GOL K . -22.96 -14.28 -18.15
C2 GOL K . -24.88 -14.21 -16.67
O2 GOL K . -24.90 -15.62 -16.86
C3 GOL K . -26.30 -13.67 -16.65
O3 GOL K . -26.86 -13.70 -15.35
PG ATP L . 20.71 13.78 26.26
O1G ATP L . 20.42 15.09 25.57
O2G ATP L . 22.17 13.39 26.33
O3G ATP L . 19.86 12.66 25.76
PB ATP L . 18.99 14.38 28.63
O1B ATP L . 18.85 15.86 28.75
O2B ATP L . 17.81 13.64 28.06
O3B ATP L . 20.38 14.05 27.85
PA ATP L . 18.76 12.66 31.00
O1A ATP L . 17.44 13.16 31.52
O2A ATP L . 18.88 11.32 30.35
O3A ATP L . 19.39 13.84 30.09
O5' ATP L . 19.83 12.67 32.17
C5' ATP L . 19.84 13.72 33.14
C4' ATP L . 20.84 13.37 34.22
O4' ATP L . 20.37 12.24 34.95
C3' ATP L . 22.22 13.02 33.70
O3' ATP L . 23.22 13.62 34.54
C2' ATP L . 22.26 11.50 33.75
O2' ATP L . 23.57 11.01 34.01
C1' ATP L . 21.31 11.18 34.89
N9 ATP L . 20.54 9.95 34.68
C8 ATP L . 19.82 9.62 33.59
N7 ATP L . 19.20 8.43 33.76
C5 ATP L . 19.51 8.00 34.98
C6 ATP L . 19.20 6.82 35.80
N6 ATP L . 18.40 5.87 35.29
N1 ATP L . 19.72 6.73 37.04
C2 ATP L . 20.51 7.69 37.55
N3 ATP L . 20.84 8.80 36.86
C4 ATP L . 20.38 9.00 35.60
MG MG M . 17.90 11.70 26.45
C1 GOL N . -3.57 -6.23 17.05
O1 GOL N . -2.99 -7.50 16.86
C2 GOL N . -5.05 -6.28 16.72
O2 GOL N . -5.75 -7.00 17.72
C3 GOL N . -5.58 -4.86 16.64
O3 GOL N . -5.35 -4.32 15.37
PG ATP O . 17.77 4.18 7.99
O1G ATP O . 18.18 5.49 7.36
O2G ATP O . 16.28 4.00 8.21
O3G ATP O . 18.59 3.83 9.20
PB ATP O . 19.44 2.53 6.20
O1B ATP O . 19.64 3.33 4.96
O2B ATP O . 20.56 2.54 7.21
O3B ATP O . 18.04 3.02 6.87
PA ATP O . 19.57 -0.37 6.26
O1A ATP O . 20.91 -0.59 5.60
O2A ATP O . 19.45 -0.53 7.75
O3A ATP O . 18.99 1.05 5.77
O5' ATP O . 18.51 -1.34 5.58
C5' ATP O . 18.53 -1.53 4.16
C4' ATP O . 17.46 -2.53 3.76
O4' ATP O . 17.80 -3.80 4.29
C3' ATP O . 16.08 -2.19 4.32
O3' ATP O . 15.07 -2.56 3.36
C2' ATP O . 15.94 -3.05 5.54
O2' ATP O . 14.57 -3.39 5.76
C1' ATP O . 16.81 -4.26 5.21
N9 ATP O . 17.53 -4.87 6.35
C8 ATP O . 18.26 -4.21 7.27
N7 ATP O . 18.80 -5.08 8.15
C5 ATP O . 18.42 -6.31 7.81
C6 ATP O . 18.64 -7.69 8.29
N6 ATP O . 19.40 -7.90 9.40
N1 ATP O . 18.07 -8.72 7.63
C2 ATP O . 17.30 -8.50 6.53
N3 ATP O . 17.08 -7.28 6.02
C4 ATP O . 17.59 -6.18 6.60
MG MG P . 20.41 2.69 9.72
C1 GOL Q . 43.22 -0.10 29.56
O1 GOL Q . 42.98 1.20 30.05
C2 GOL Q . 42.87 -1.15 30.60
O2 GOL Q . 43.14 -2.43 30.05
C3 GOL Q . 41.40 -1.04 30.98
O3 GOL Q . 41.02 -2.17 31.73
#